data_5D8Z
#
_entry.id   5D8Z
#
_cell.length_a   84.426
_cell.length_b   236.399
_cell.length_c   83.585
_cell.angle_alpha   90.00
_cell.angle_beta   90.00
_cell.angle_gamma   90.00
#
_symmetry.space_group_name_H-M   'C 2 2 21'
#
loop_
_entity.id
_entity.type
_entity.pdbx_description
1 polymer endoglucanase
2 branched beta-D-glucopyranose-(1-4)-beta-D-glucopyranose
3 water water
#
_entity_poly.entity_id   1
_entity_poly.type   'polypeptide(L)'
_entity_poly.pdbx_seq_one_letter_code
;QSTVPAWGQCGGSVPASSAGKLQFAGVNIAGFDFGCGSDGTCNASGAWPPLTQYYGADGAGQMKHFVDDDGFNVFRLPVG
WQFITDGVAGGDIDEDNWAEYDALVQACLDAGASCIVDVHNYARFNGEIIGQGGPTNQDFAALWSSIAAKYADNDKIIFG
VMNEPHDVPDINLWADSVQAAVTAIRQAGATSQIILLPGNNWTSAETFVSNGSADALKKVTNPDGSVTNLIFDVHKYLDS
DNSGTHEECTTNNIDNAWAPLAEWLRCNGRQAFNTETGGGNVASCETFMCQQVAYQNANSDVFLGYVGWAAGNFYQGYVL
GEVPTDTNGVWTDTALVSACLAPNAQK
;
_entity_poly.pdbx_strand_id   A,B
#
# COMPACT_ATOMS: atom_id res chain seq x y z
N LEU A 22 6.22 6.87 -27.03
CA LEU A 22 7.65 6.56 -27.42
C LEU A 22 8.33 5.59 -26.47
N GLN A 23 8.11 5.71 -25.17
CA GLN A 23 8.63 4.67 -24.27
C GLN A 23 7.92 3.31 -24.47
N PHE A 24 6.58 3.31 -24.62
CA PHE A 24 5.80 2.07 -24.71
C PHE A 24 4.91 2.09 -25.90
N ALA A 25 4.84 0.98 -26.62
CA ALA A 25 3.73 0.78 -27.55
C ALA A 25 3.29 -0.69 -27.50
N GLY A 26 1.99 -0.92 -27.40
CA GLY A 26 1.47 -2.25 -27.11
C GLY A 26 0.10 -2.55 -27.68
N VAL A 27 -0.39 -3.74 -27.41
CA VAL A 27 -1.74 -4.06 -27.79
C VAL A 27 -2.48 -4.80 -26.66
N ASN A 28 -3.80 -4.61 -26.60
CA ASN A 28 -4.59 -5.28 -25.63
C ASN A 28 -4.84 -6.68 -26.09
N ILE A 29 -4.50 -7.67 -25.30
CA ILE A 29 -4.78 -9.04 -25.63
C ILE A 29 -6.00 -9.52 -24.85
N ALA A 30 -7.18 -9.40 -25.47
CA ALA A 30 -8.46 -9.65 -24.79
C ALA A 30 -8.95 -11.07 -24.79
N GLY A 31 -9.92 -11.32 -23.93
CA GLY A 31 -10.46 -12.66 -23.74
C GLY A 31 -10.91 -12.97 -22.31
N PHE A 32 -10.06 -12.71 -21.32
CA PHE A 32 -10.44 -12.98 -19.92
C PHE A 32 -11.52 -11.99 -19.50
N ASP A 33 -11.67 -10.91 -20.29
CA ASP A 33 -12.66 -9.89 -19.97
C ASP A 33 -13.99 -10.20 -20.59
N PHE A 34 -14.14 -11.32 -21.27
CA PHE A 34 -15.40 -11.51 -21.98
C PHE A 34 -16.53 -11.80 -21.00
N GLY A 35 -17.73 -11.37 -21.37
CA GLY A 35 -18.83 -11.34 -20.41
C GLY A 35 -18.55 -10.46 -19.19
N CYS A 36 -17.73 -9.43 -19.38
CA CYS A 36 -17.67 -8.38 -18.41
C CYS A 36 -18.55 -7.26 -18.94
N GLY A 37 -19.47 -6.81 -18.14
CA GLY A 37 -20.37 -5.77 -18.62
C GLY A 37 -19.89 -4.43 -18.13
N SER A 38 -20.37 -3.37 -18.79
CA SER A 38 -20.00 -2.04 -18.36
C SER A 38 -20.56 -1.67 -16.98
N ASP A 39 -21.38 -2.54 -16.39
CA ASP A 39 -21.93 -2.34 -15.04
C ASP A 39 -21.18 -3.10 -13.91
N GLY A 40 -20.03 -3.69 -14.24
CA GLY A 40 -19.21 -4.43 -13.25
C GLY A 40 -19.62 -5.88 -12.97
N THR A 41 -20.53 -6.40 -13.80
CA THR A 41 -21.02 -7.78 -13.69
C THR A 41 -20.18 -8.60 -14.64
N CYS A 42 -19.42 -9.56 -14.13
CA CYS A 42 -18.61 -10.44 -14.99
C CYS A 42 -19.09 -11.86 -14.83
N ASN A 43 -20.17 -12.17 -15.56
CA ASN A 43 -20.49 -13.55 -16.01
C ASN A 43 -19.19 -14.38 -16.14
N ALA A 44 -18.62 -14.81 -15.00
CA ALA A 44 -17.28 -15.46 -14.92
C ALA A 44 -17.24 -16.87 -15.54
N SER A 45 -18.40 -17.37 -15.96
CA SER A 45 -18.49 -18.42 -17.00
C SER A 45 -17.87 -17.94 -18.32
N GLY A 46 -18.40 -16.83 -18.85
CA GLY A 46 -18.00 -16.26 -20.15
C GLY A 46 -16.55 -15.84 -20.37
N ALA A 47 -15.70 -15.97 -19.34
CA ALA A 47 -14.28 -15.71 -19.48
C ALA A 47 -13.62 -16.73 -20.40
N TRP A 48 -12.78 -16.24 -21.32
CA TRP A 48 -12.24 -17.03 -22.42
C TRP A 48 -10.80 -16.67 -22.68
N PRO A 49 -9.88 -17.43 -22.07
CA PRO A 49 -8.48 -17.14 -22.12
C PRO A 49 -7.96 -17.23 -23.54
N PRO A 50 -7.25 -16.20 -24.02
CA PRO A 50 -6.64 -16.18 -25.33
C PRO A 50 -5.30 -16.88 -25.34
N LEU A 51 -5.31 -18.16 -25.02
CA LEU A 51 -4.13 -19.01 -25.10
C LEU A 51 -4.52 -20.29 -25.80
N THR A 52 -3.73 -20.75 -26.77
CA THR A 52 -3.75 -22.15 -27.14
C THR A 52 -3.60 -22.85 -25.79
N GLN A 53 -4.19 -24.04 -25.60
CA GLN A 53 -4.54 -24.59 -24.22
C GLN A 53 -5.71 -23.72 -23.88
N TYR A 54 -6.48 -24.04 -22.85
CA TYR A 54 -7.67 -23.22 -22.62
C TYR A 54 -8.50 -22.90 -23.91
N TYR A 55 -8.12 -23.50 -25.04
CA TYR A 55 -8.96 -23.57 -26.23
C TYR A 55 -9.36 -22.20 -26.70
N GLY A 56 -8.36 -21.33 -26.81
CA GLY A 56 -8.54 -19.96 -27.35
C GLY A 56 -7.41 -19.69 -28.34
N ALA A 57 -7.30 -18.48 -28.84
CA ALA A 57 -6.23 -18.13 -29.80
C ALA A 57 -4.82 -18.15 -29.21
N ASP A 58 -3.81 -18.14 -30.10
CA ASP A 58 -2.40 -18.21 -29.72
C ASP A 58 -2.00 -16.79 -29.27
N GLY A 59 -2.46 -16.38 -28.09
CA GLY A 59 -2.05 -15.12 -27.52
C GLY A 59 -0.55 -15.05 -27.29
N ALA A 60 0.05 -16.13 -26.83
CA ALA A 60 1.51 -16.12 -26.70
C ALA A 60 2.21 -15.82 -28.02
N GLY A 61 1.80 -16.49 -29.10
CA GLY A 61 2.41 -16.32 -30.40
C GLY A 61 2.17 -14.92 -30.92
N GLN A 62 0.92 -14.49 -30.90
CA GLN A 62 0.54 -13.08 -31.07
C GLN A 62 1.56 -12.11 -30.45
N MET A 63 1.99 -12.40 -29.23
CA MET A 63 2.92 -11.53 -28.52
C MET A 63 4.35 -11.74 -29.02
N LYS A 64 4.80 -12.98 -29.22
CA LYS A 64 6.11 -13.19 -29.88
C LYS A 64 6.21 -12.32 -31.13
N HIS A 65 5.15 -12.28 -31.89
CA HIS A 65 5.15 -11.63 -33.18
C HIS A 65 5.14 -10.14 -32.97
N PHE A 66 4.24 -9.66 -32.13
CA PHE A 66 4.12 -8.23 -31.93
C PHE A 66 5.44 -7.62 -31.48
N VAL A 67 6.23 -8.36 -30.69
CA VAL A 67 7.56 -7.89 -30.29
C VAL A 67 8.52 -8.08 -31.44
N ASP A 68 8.77 -9.33 -31.82
CA ASP A 68 9.88 -9.65 -32.72
C ASP A 68 9.82 -9.00 -34.09
N ASP A 69 8.63 -8.80 -34.62
CA ASP A 69 8.48 -8.27 -35.96
C ASP A 69 8.00 -6.80 -35.95
N ASP A 70 7.25 -6.38 -34.94
CA ASP A 70 6.58 -5.07 -35.02
C ASP A 70 7.15 -4.00 -34.10
N GLY A 71 7.90 -4.41 -33.08
CA GLY A 71 8.52 -3.49 -32.17
C GLY A 71 7.69 -3.13 -30.98
N PHE A 72 6.59 -3.83 -30.76
CA PHE A 72 5.79 -3.64 -29.56
C PHE A 72 6.58 -4.11 -28.36
N ASN A 73 6.08 -3.69 -27.21
CA ASN A 73 6.85 -3.40 -26.03
C ASN A 73 6.20 -3.78 -24.73
N VAL A 74 4.87 -3.65 -24.73
CA VAL A 74 4.02 -3.92 -23.59
C VAL A 74 2.70 -4.55 -24.09
N PHE A 75 2.04 -5.32 -23.25
CA PHE A 75 0.71 -5.84 -23.56
C PHE A 75 -0.22 -5.61 -22.42
N ARG A 76 -1.46 -5.40 -22.74
CA ARG A 76 -2.42 -5.14 -21.73
C ARG A 76 -3.35 -6.33 -21.68
N LEU A 77 -3.57 -6.85 -20.48
CA LEU A 77 -4.20 -8.14 -20.26
C LEU A 77 -5.43 -7.98 -19.39
N PRO A 78 -6.58 -7.70 -20.03
CA PRO A 78 -7.81 -7.49 -19.28
C PRO A 78 -8.32 -8.71 -18.56
N VAL A 79 -8.68 -8.54 -17.29
CA VAL A 79 -9.33 -9.62 -16.55
C VAL A 79 -10.28 -9.07 -15.52
N GLY A 80 -11.37 -9.77 -15.24
CA GLY A 80 -12.34 -9.36 -14.25
C GLY A 80 -12.08 -9.82 -12.82
N TRP A 81 -12.50 -8.98 -11.89
CA TRP A 81 -12.43 -9.24 -10.45
C TRP A 81 -13.06 -10.58 -10.13
N GLN A 82 -14.25 -10.80 -10.65
CA GLN A 82 -14.94 -12.04 -10.42
C GLN A 82 -14.08 -13.24 -10.85
N PHE A 83 -13.48 -13.19 -11.99
CA PHE A 83 -12.64 -14.29 -12.37
C PHE A 83 -11.49 -14.52 -11.37
N ILE A 84 -10.88 -13.43 -10.93
CA ILE A 84 -9.71 -13.56 -10.08
C ILE A 84 -10.07 -14.24 -8.80
N THR A 85 -11.26 -13.92 -8.29
CA THR A 85 -11.69 -14.41 -6.99
C THR A 85 -12.82 -15.46 -7.02
N ASP A 86 -13.20 -15.90 -8.21
CA ASP A 86 -14.42 -16.70 -8.42
C ASP A 86 -15.67 -16.12 -7.74
N GLY A 87 -16.10 -14.96 -8.20
CA GLY A 87 -17.35 -14.41 -7.78
C GLY A 87 -17.41 -13.51 -6.57
N VAL A 88 -16.33 -13.36 -5.82
CA VAL A 88 -16.32 -12.57 -4.59
C VAL A 88 -15.56 -11.23 -4.61
N ALA A 89 -16.20 -10.17 -4.09
CA ALA A 89 -15.56 -8.83 -3.90
C ALA A 89 -14.63 -8.77 -2.67
N GLY A 90 -13.39 -9.19 -2.91
CA GLY A 90 -12.39 -9.22 -1.87
C GLY A 90 -11.10 -9.52 -2.55
N GLY A 91 -10.14 -10.12 -1.86
CA GLY A 91 -8.84 -10.36 -2.43
C GLY A 91 -8.40 -11.79 -2.25
N ASP A 92 -9.34 -12.71 -2.07
CA ASP A 92 -9.01 -14.12 -1.93
C ASP A 92 -8.94 -14.72 -3.31
N ILE A 93 -7.72 -14.79 -3.83
CA ILE A 93 -7.45 -15.17 -5.21
C ILE A 93 -7.74 -16.61 -5.39
N ASP A 94 -8.53 -16.95 -6.40
CA ASP A 94 -8.87 -18.34 -6.69
C ASP A 94 -7.75 -18.93 -7.52
N GLU A 95 -7.14 -20.02 -7.04
CA GLU A 95 -5.87 -20.51 -7.60
C GLU A 95 -5.97 -21.08 -9.02
N ASP A 96 -7.03 -21.82 -9.30
CA ASP A 96 -7.21 -22.42 -10.61
C ASP A 96 -7.40 -21.33 -11.66
N ASN A 97 -8.24 -20.33 -11.37
CA ASN A 97 -8.43 -19.23 -12.31
C ASN A 97 -7.12 -18.45 -12.46
N TRP A 98 -6.47 -18.17 -11.36
CA TRP A 98 -5.24 -17.42 -11.40
C TRP A 98 -4.15 -18.15 -12.17
N ALA A 99 -4.11 -19.46 -12.08
CA ALA A 99 -3.16 -20.21 -12.89
C ALA A 99 -3.34 -19.93 -14.39
N GLU A 100 -4.59 -19.92 -14.84
CA GLU A 100 -4.90 -19.55 -16.20
C GLU A 100 -4.36 -18.16 -16.52
N TYR A 101 -4.67 -17.19 -15.67
CA TYR A 101 -4.35 -15.81 -16.00
C TYR A 101 -2.88 -15.54 -15.90
N ASP A 102 -2.22 -16.19 -14.96
CA ASP A 102 -0.78 -16.01 -14.84
C ASP A 102 -0.11 -16.54 -16.11
N ALA A 103 -0.60 -17.66 -16.67
CA ALA A 103 0.02 -18.20 -17.94
C ALA A 103 0.03 -17.18 -19.06
N LEU A 104 -0.91 -16.28 -19.07
CA LEU A 104 -0.93 -15.29 -20.11
C LEU A 104 0.15 -14.26 -19.79
N VAL A 105 0.17 -13.81 -18.54
CA VAL A 105 1.18 -12.89 -18.04
C VAL A 105 2.59 -13.45 -18.23
N GLN A 106 2.79 -14.75 -17.97
CA GLN A 106 4.06 -15.39 -18.25
C GLN A 106 4.41 -15.39 -19.72
N ALA A 107 3.42 -15.53 -20.59
CA ALA A 107 3.66 -15.44 -22.03
C ALA A 107 4.03 -14.06 -22.45
N CYS A 108 3.46 -13.07 -21.79
CA CYS A 108 3.75 -11.68 -22.10
C CYS A 108 5.19 -11.36 -21.69
N LEU A 109 5.60 -11.85 -20.54
CA LEU A 109 6.96 -11.63 -20.10
C LEU A 109 7.94 -12.42 -20.95
N ASP A 110 7.58 -13.66 -21.28
CA ASP A 110 8.45 -14.53 -22.06
C ASP A 110 8.67 -13.94 -23.45
N ALA A 111 7.71 -13.20 -23.96
CA ALA A 111 7.88 -12.53 -25.25
C ALA A 111 8.86 -11.36 -25.23
N GLY A 112 9.28 -10.93 -24.03
CA GLY A 112 10.25 -9.84 -23.85
C GLY A 112 9.67 -8.46 -23.53
N ALA A 113 8.41 -8.39 -23.12
CA ALA A 113 7.67 -7.14 -23.03
C ALA A 113 7.25 -6.87 -21.61
N SER A 114 6.74 -5.65 -21.36
CA SER A 114 6.13 -5.30 -20.07
C SER A 114 4.64 -5.63 -20.09
N CYS A 115 4.02 -5.94 -18.95
CA CYS A 115 2.60 -6.37 -18.96
C CYS A 115 1.73 -5.60 -17.99
N ILE A 116 0.67 -4.98 -18.49
CA ILE A 116 -0.32 -4.33 -17.68
C ILE A 116 -1.36 -5.32 -17.23
N VAL A 117 -1.51 -5.47 -15.91
CA VAL A 117 -2.51 -6.32 -15.31
C VAL A 117 -3.71 -5.42 -15.02
N ASP A 118 -4.68 -5.45 -15.92
CA ASP A 118 -5.84 -4.54 -15.95
C ASP A 118 -7.09 -5.18 -15.37
N VAL A 119 -7.56 -4.69 -14.22
CA VAL A 119 -8.82 -5.18 -13.66
C VAL A 119 -9.95 -4.48 -14.39
N HIS A 120 -10.70 -5.24 -15.17
CA HIS A 120 -11.61 -4.71 -16.18
C HIS A 120 -13.04 -4.57 -15.68
N ASN A 121 -13.24 -3.78 -14.64
CA ASN A 121 -14.52 -3.69 -13.97
C ASN A 121 -15.32 -2.40 -13.99
N TYR A 122 -14.85 -1.34 -14.65
CA TYR A 122 -15.64 -0.09 -14.76
C TYR A 122 -15.98 0.46 -13.39
N ALA A 123 -15.05 0.31 -12.46
CA ALA A 123 -15.21 0.76 -11.08
C ALA A 123 -16.38 0.15 -10.37
N ARG A 124 -16.92 -0.94 -10.90
CA ARG A 124 -18.09 -1.57 -10.29
C ARG A 124 -17.89 -3.04 -9.97
N PHE A 125 -18.83 -3.56 -9.20
CA PHE A 125 -18.95 -4.99 -8.91
C PHE A 125 -20.45 -5.30 -8.85
N ASN A 126 -20.90 -6.11 -9.77
CA ASN A 126 -22.32 -6.36 -9.99
C ASN A 126 -23.26 -5.19 -9.76
N GLY A 127 -23.19 -4.16 -10.61
CA GLY A 127 -24.13 -3.07 -10.60
C GLY A 127 -23.80 -1.94 -9.65
N GLU A 128 -22.87 -2.18 -8.75
CA GLU A 128 -22.68 -1.31 -7.60
C GLU A 128 -21.27 -0.70 -7.64
N ILE A 129 -21.07 0.52 -7.14
CA ILE A 129 -19.79 1.23 -7.32
C ILE A 129 -18.83 1.23 -6.12
N ILE A 130 -17.58 0.88 -6.37
CA ILE A 130 -16.61 0.72 -5.29
C ILE A 130 -16.52 2.01 -4.55
N GLY A 131 -16.60 1.98 -3.24
CA GLY A 131 -16.38 3.18 -2.45
C GLY A 131 -17.62 4.04 -2.32
N GLN A 132 -18.64 3.76 -3.15
CA GLN A 132 -19.79 4.62 -3.32
C GLN A 132 -21.04 3.80 -3.62
N GLY A 133 -21.47 2.96 -2.67
CA GLY A 133 -22.56 1.99 -2.93
C GLY A 133 -22.14 0.53 -3.00
N GLY A 134 -21.00 0.22 -3.62
CA GLY A 134 -20.61 -1.15 -3.88
C GLY A 134 -19.66 -1.66 -2.80
N PRO A 135 -18.65 -2.45 -3.19
CA PRO A 135 -17.58 -2.85 -2.31
C PRO A 135 -16.81 -1.67 -1.75
N THR A 136 -16.25 -1.84 -0.57
CA THR A 136 -15.58 -0.76 0.09
C THR A 136 -14.19 -0.68 -0.43
N ASN A 137 -13.58 0.47 -0.16
CA ASN A 137 -12.21 0.70 -0.52
C ASN A 137 -11.32 -0.41 0.00
N GLN A 138 -11.68 -1.00 1.14
CA GLN A 138 -10.91 -2.12 1.71
C GLN A 138 -11.07 -3.44 0.97
N ASP A 139 -12.32 -3.82 0.69
CA ASP A 139 -12.62 -4.98 -0.16
C ASP A 139 -11.69 -4.85 -1.41
N PHE A 140 -11.66 -3.67 -2.00
CA PHE A 140 -10.91 -3.43 -3.21
C PHE A 140 -9.38 -3.48 -3.02
N ALA A 141 -8.94 -2.85 -1.94
CA ALA A 141 -7.54 -2.74 -1.60
C ALA A 141 -6.95 -4.12 -1.38
N ALA A 142 -7.69 -4.92 -0.64
CA ALA A 142 -7.35 -6.32 -0.47
C ALA A 142 -7.00 -6.98 -1.80
N LEU A 143 -7.86 -6.77 -2.81
CA LEU A 143 -7.65 -7.37 -4.10
C LEU A 143 -6.28 -7.04 -4.64
N TRP A 144 -5.99 -5.76 -4.64
CA TRP A 144 -4.71 -5.33 -5.14
C TRP A 144 -3.53 -5.76 -4.29
N SER A 145 -3.71 -5.93 -2.99
CA SER A 145 -2.62 -6.42 -2.20
C SER A 145 -2.23 -7.78 -2.77
N SER A 146 -3.23 -8.64 -2.95
CA SER A 146 -2.95 -9.99 -3.40
C SER A 146 -2.32 -10.02 -4.77
N ILE A 147 -2.86 -9.23 -5.70
CA ILE A 147 -2.31 -9.19 -7.05
C ILE A 147 -0.86 -8.76 -6.96
N ALA A 148 -0.63 -7.65 -6.25
CA ALA A 148 0.71 -7.12 -6.07
C ALA A 148 1.63 -8.15 -5.47
N ALA A 149 1.17 -8.96 -4.51
CA ALA A 149 2.05 -9.90 -3.81
C ALA A 149 2.62 -10.98 -4.75
N LYS A 150 1.76 -11.58 -5.57
CA LYS A 150 2.20 -12.15 -6.85
C LYS A 150 2.92 -11.02 -7.47
N TYR A 151 3.92 -11.22 -8.30
CA TYR A 151 4.44 -10.01 -9.06
C TYR A 151 5.15 -8.82 -8.37
N ALA A 152 5.26 -8.76 -7.06
CA ALA A 152 5.97 -7.64 -6.39
C ALA A 152 7.41 -7.36 -6.88
N ASP A 153 8.25 -8.37 -6.86
CA ASP A 153 9.65 -8.21 -7.28
C ASP A 153 9.79 -7.86 -8.78
N ASN A 154 8.84 -8.32 -9.59
CA ASN A 154 8.95 -8.23 -11.06
C ASN A 154 8.67 -6.83 -11.57
N ASP A 155 9.68 -6.14 -12.09
CA ASP A 155 9.54 -4.71 -12.45
C ASP A 155 8.95 -4.48 -13.84
N LYS A 156 8.73 -5.55 -14.60
CA LYS A 156 8.15 -5.46 -15.93
C LYS A 156 6.60 -5.42 -15.87
N ILE A 157 6.05 -5.65 -14.68
CA ILE A 157 4.63 -5.50 -14.43
C ILE A 157 4.19 -4.04 -14.18
N ILE A 158 2.95 -3.74 -14.57
CA ILE A 158 2.39 -2.40 -14.52
C ILE A 158 0.98 -2.63 -14.08
N PHE A 159 0.61 -2.09 -12.93
CA PHE A 159 -0.69 -2.41 -12.36
C PHE A 159 -1.72 -1.39 -12.82
N GLY A 160 -2.73 -1.89 -13.55
CA GLY A 160 -3.80 -1.02 -14.00
C GLY A 160 -4.98 -1.12 -13.05
N VAL A 161 -5.08 -0.11 -12.18
CA VAL A 161 -5.96 -0.14 -11.03
C VAL A 161 -7.39 -0.47 -11.44
N MET A 162 -7.90 0.22 -12.44
CA MET A 162 -9.26 -0.02 -12.84
C MET A 162 -9.55 0.48 -14.22
N ASN A 163 -10.26 -0.34 -14.98
CA ASN A 163 -10.57 -0.02 -16.35
C ASN A 163 -11.82 0.81 -16.47
N GLU A 164 -11.71 1.92 -17.17
CA GLU A 164 -12.85 2.78 -17.57
C GLU A 164 -13.95 3.10 -16.55
N PRO A 165 -13.59 3.70 -15.43
CA PRO A 165 -14.65 4.25 -14.59
C PRO A 165 -15.54 5.20 -15.37
N HIS A 166 -16.84 5.15 -15.12
CA HIS A 166 -17.77 5.98 -15.80
C HIS A 166 -18.96 6.20 -14.92
N ASP A 167 -19.69 7.26 -15.22
CA ASP A 167 -20.84 7.74 -14.43
C ASP A 167 -20.69 7.53 -12.91
N VAL A 168 -19.53 7.94 -12.39
CA VAL A 168 -19.25 7.96 -10.97
C VAL A 168 -19.69 9.27 -10.37
N PRO A 169 -20.45 9.25 -9.28
CA PRO A 169 -20.95 10.56 -8.81
C PRO A 169 -19.94 11.47 -8.08
N ASP A 170 -18.95 10.95 -7.35
CA ASP A 170 -17.98 11.81 -6.67
C ASP A 170 -16.55 11.36 -6.93
N ILE A 171 -15.87 12.12 -7.77
CA ILE A 171 -14.54 11.77 -8.18
C ILE A 171 -13.48 11.78 -7.07
N ASN A 172 -13.65 12.61 -6.07
CA ASN A 172 -12.67 12.61 -4.99
C ASN A 172 -12.73 11.40 -4.11
N LEU A 173 -13.92 10.81 -3.97
CA LEU A 173 -14.08 9.54 -3.28
C LEU A 173 -13.45 8.45 -4.11
N TRP A 174 -13.64 8.52 -5.42
CA TRP A 174 -12.94 7.61 -6.32
C TRP A 174 -11.41 7.72 -6.23
N ALA A 175 -10.88 8.93 -6.25
CA ALA A 175 -9.48 9.09 -6.03
C ALA A 175 -9.03 8.48 -4.69
N ASP A 176 -9.89 8.57 -3.66
CA ASP A 176 -9.65 7.86 -2.37
C ASP A 176 -9.58 6.35 -2.49
N SER A 177 -10.47 5.77 -3.27
CA SER A 177 -10.44 4.34 -3.55
C SER A 177 -9.13 3.95 -4.22
N VAL A 178 -8.64 4.81 -5.10
CA VAL A 178 -7.43 4.54 -5.85
C VAL A 178 -6.22 4.66 -4.95
N GLN A 179 -6.29 5.60 -4.00
CA GLN A 179 -5.25 5.72 -3.01
C GLN A 179 -5.17 4.41 -2.28
N ALA A 180 -6.31 3.92 -1.89
CA ALA A 180 -6.31 2.72 -1.11
C ALA A 180 -5.59 1.58 -1.84
N ALA A 181 -5.86 1.46 -3.15
CA ALA A 181 -5.19 0.41 -3.95
C ALA A 181 -3.68 0.65 -4.02
N VAL A 182 -3.30 1.88 -4.32
CA VAL A 182 -1.88 2.20 -4.43
C VAL A 182 -1.18 1.78 -3.17
N THR A 183 -1.68 2.27 -2.03
CA THR A 183 -1.10 1.92 -0.77
C THR A 183 -1.05 0.41 -0.58
N ALA A 184 -2.12 -0.29 -0.95
CA ALA A 184 -2.07 -1.75 -0.84
C ALA A 184 -0.91 -2.25 -1.69
N ILE A 185 -0.77 -1.71 -2.89
CA ILE A 185 0.21 -2.25 -3.86
C ILE A 185 1.68 -2.07 -3.38
N ARG A 186 1.98 -0.90 -2.82
CA ARG A 186 3.32 -0.62 -2.36
C ARG A 186 3.65 -1.46 -1.14
N GLN A 187 2.69 -1.57 -0.23
CA GLN A 187 2.87 -2.40 0.94
C GLN A 187 3.03 -3.87 0.67
N ALA A 188 2.60 -4.38 -0.47
CA ALA A 188 2.94 -5.78 -0.74
C ALA A 188 4.35 -5.90 -1.36
N GLY A 189 5.09 -4.80 -1.44
CA GLY A 189 6.44 -4.85 -1.95
C GLY A 189 6.61 -4.33 -3.35
N ALA A 190 5.51 -4.01 -4.02
CA ALA A 190 5.59 -3.53 -5.40
C ALA A 190 6.04 -2.08 -5.43
N THR A 191 7.32 -1.90 -5.22
CA THR A 191 7.82 -0.58 -4.96
C THR A 191 8.32 0.08 -6.24
N SER A 192 8.68 -0.76 -7.22
CA SER A 192 9.37 -0.28 -8.43
C SER A 192 8.44 -0.03 -9.62
N GLN A 193 7.21 -0.53 -9.57
CA GLN A 193 6.32 -0.52 -10.73
C GLN A 193 5.55 0.77 -10.91
N ILE A 194 5.12 0.95 -12.15
CA ILE A 194 4.16 1.97 -12.53
C ILE A 194 2.81 1.49 -12.00
N ILE A 195 1.97 2.45 -11.64
CA ILE A 195 0.60 2.20 -11.36
C ILE A 195 -0.20 3.23 -12.15
N LEU A 196 -1.24 2.76 -12.85
CA LEU A 196 -2.02 3.59 -13.75
C LEU A 196 -3.20 4.08 -12.96
N LEU A 197 -3.56 5.35 -13.12
CA LEU A 197 -4.63 5.90 -12.33
C LEU A 197 -5.70 6.40 -13.27
N PRO A 198 -6.89 5.80 -13.17
CA PRO A 198 -8.01 6.07 -14.03
C PRO A 198 -8.99 7.02 -13.39
N GLY A 199 -9.60 7.87 -14.20
CA GLY A 199 -10.69 8.71 -13.80
C GLY A 199 -11.98 8.47 -14.58
N ASN A 200 -12.82 9.48 -14.61
CA ASN A 200 -14.23 9.32 -14.96
C ASN A 200 -14.43 9.37 -16.45
N ASN A 201 -15.68 9.43 -16.85
CA ASN A 201 -16.10 9.36 -18.26
C ASN A 201 -15.30 8.34 -19.08
N TRP A 202 -15.28 7.08 -18.62
CA TRP A 202 -14.54 6.03 -19.29
C TRP A 202 -13.10 6.45 -19.49
N THR A 203 -12.53 7.15 -18.50
CA THR A 203 -11.21 7.81 -18.62
C THR A 203 -11.01 8.45 -19.96
N SER A 204 -12.05 9.04 -20.51
CA SER A 204 -11.84 9.75 -21.75
C SER A 204 -10.71 10.76 -21.50
N ALA A 205 -9.77 10.79 -22.44
CA ALA A 205 -8.69 11.79 -22.43
C ALA A 205 -9.18 13.22 -22.67
N GLU A 206 -10.32 13.36 -23.32
CA GLU A 206 -10.89 14.67 -23.63
C GLU A 206 -11.41 15.38 -22.39
N THR A 207 -11.98 14.66 -21.46
CA THR A 207 -12.57 15.29 -20.27
C THR A 207 -11.71 15.09 -19.03
N PHE A 208 -10.58 14.42 -19.17
CA PHE A 208 -9.80 14.04 -18.02
C PHE A 208 -9.46 15.17 -17.06
N VAL A 209 -9.15 16.34 -17.60
CA VAL A 209 -8.91 17.55 -16.79
C VAL A 209 -10.22 18.30 -16.50
N SER A 210 -11.06 18.50 -17.53
CA SER A 210 -12.24 19.32 -17.35
C SER A 210 -13.27 18.79 -16.35
N ASN A 211 -13.31 17.48 -16.09
CA ASN A 211 -14.32 16.94 -15.15
C ASN A 211 -13.80 16.72 -13.75
N GLY A 212 -12.54 17.01 -13.54
CA GLY A 212 -11.98 16.98 -12.21
C GLY A 212 -11.19 15.74 -11.98
N SER A 213 -11.14 14.85 -12.96
CA SER A 213 -10.40 13.61 -12.75
C SER A 213 -8.95 13.88 -12.41
N ALA A 214 -8.31 14.77 -13.16
CA ALA A 214 -6.91 15.11 -12.96
C ALA A 214 -6.59 15.73 -11.61
N ASP A 215 -7.32 16.77 -11.22
CA ASP A 215 -7.01 17.41 -9.94
C ASP A 215 -7.24 16.49 -8.69
N ALA A 216 -8.29 15.69 -8.74
CA ALA A 216 -8.50 14.70 -7.70
C ALA A 216 -7.37 13.70 -7.66
N LEU A 217 -7.02 13.18 -8.83
CA LEU A 217 -6.04 12.11 -8.88
C LEU A 217 -4.63 12.61 -8.71
N LYS A 218 -4.41 13.90 -9.01
CA LYS A 218 -3.14 14.53 -8.67
C LYS A 218 -2.75 14.40 -7.16
N LYS A 219 -3.73 14.21 -6.27
CA LYS A 219 -3.47 14.13 -4.82
C LYS A 219 -2.99 12.78 -4.36
N VAL A 220 -3.07 11.78 -5.23
CA VAL A 220 -2.76 10.40 -4.88
C VAL A 220 -1.25 10.22 -4.81
N THR A 221 -0.76 9.64 -3.74
CA THR A 221 0.67 9.56 -3.58
C THR A 221 1.04 8.21 -3.01
N ASN A 222 2.31 7.85 -3.18
CA ASN A 222 2.89 6.61 -2.63
C ASN A 222 2.94 6.82 -1.14
N PRO A 223 3.28 5.79 -0.36
CA PRO A 223 3.40 5.96 1.10
C PRO A 223 4.40 7.07 1.52
N ASP A 224 5.56 7.16 0.88
CA ASP A 224 6.55 8.16 1.26
C ASP A 224 6.21 9.61 0.85
N GLY A 225 5.06 9.86 0.21
CA GLY A 225 4.70 11.24 -0.20
C GLY A 225 4.99 11.66 -1.66
N SER A 226 5.71 10.81 -2.40
CA SER A 226 5.99 11.04 -3.81
C SER A 226 4.84 10.62 -4.79
N VAL A 227 4.90 11.16 -6.02
CA VAL A 227 4.12 10.67 -7.15
C VAL A 227 4.96 9.83 -8.13
N THR A 228 6.22 9.57 -7.81
CA THR A 228 7.03 8.75 -8.68
C THR A 228 6.25 7.53 -9.15
N ASN A 229 6.25 7.33 -10.45
CA ASN A 229 5.68 6.14 -11.05
C ASN A 229 4.18 5.94 -10.85
N LEU A 230 3.46 7.05 -10.79
CA LEU A 230 2.02 7.03 -10.76
C LEU A 230 1.60 7.82 -11.99
N ILE A 231 1.02 7.12 -12.94
CA ILE A 231 0.83 7.67 -14.26
C ILE A 231 -0.65 7.65 -14.47
N PHE A 232 -1.19 8.71 -15.04
CA PHE A 232 -2.60 8.72 -15.38
C PHE A 232 -2.89 7.77 -16.53
N ASP A 233 -4.08 7.21 -16.50
CA ASP A 233 -4.52 6.14 -17.36
C ASP A 233 -5.60 6.77 -18.17
N VAL A 234 -5.43 6.85 -19.49
CA VAL A 234 -6.47 7.43 -20.31
C VAL A 234 -6.73 6.60 -21.57
N HIS A 235 -7.93 6.79 -22.09
CA HIS A 235 -8.46 6.05 -23.22
C HIS A 235 -9.08 7.05 -24.21
N LYS A 236 -9.01 6.74 -25.50
CA LYS A 236 -9.50 7.62 -26.58
C LYS A 236 -9.63 6.89 -27.93
N TYR A 237 -10.83 6.98 -28.49
CA TYR A 237 -11.15 6.31 -29.74
C TYR A 237 -11.37 7.38 -30.80
N LEU A 238 -11.45 6.99 -32.06
CA LEU A 238 -11.42 7.96 -33.14
C LEU A 238 -12.77 8.16 -33.85
N ASP A 239 -13.85 7.67 -33.25
CA ASP A 239 -15.17 7.76 -33.89
C ASP A 239 -15.95 8.88 -33.27
N SER A 240 -17.04 9.29 -33.91
CA SER A 240 -17.74 10.53 -33.54
C SER A 240 -18.11 10.56 -32.06
N ASP A 241 -18.58 9.42 -31.54
CA ASP A 241 -19.13 9.34 -30.17
C ASP A 241 -18.18 8.78 -29.11
N ASN A 242 -16.88 8.78 -29.40
CA ASN A 242 -15.82 8.12 -28.59
C ASN A 242 -16.08 6.67 -28.13
N SER A 243 -16.94 5.93 -28.82
CA SER A 243 -17.35 4.61 -28.34
C SER A 243 -16.33 3.52 -28.73
N GLY A 244 -15.70 3.68 -29.88
CA GLY A 244 -14.97 2.59 -30.51
C GLY A 244 -15.91 1.46 -30.89
N THR A 245 -17.05 1.81 -31.47
CA THR A 245 -17.95 0.81 -32.04
C THR A 245 -18.09 1.00 -33.54
N HIS A 246 -17.61 2.11 -34.07
CA HIS A 246 -17.69 2.38 -35.51
C HIS A 246 -16.45 1.98 -36.24
N GLU A 247 -16.61 1.61 -37.51
CA GLU A 247 -15.47 1.21 -38.30
C GLU A 247 -14.76 2.45 -38.79
N GLU A 248 -15.51 3.52 -39.06
CA GLU A 248 -14.98 4.69 -39.73
C GLU A 248 -14.53 5.72 -38.72
N CYS A 249 -13.51 6.48 -39.08
CA CYS A 249 -12.88 7.42 -38.17
C CYS A 249 -12.97 8.83 -38.69
N THR A 250 -13.15 9.76 -37.76
CA THR A 250 -13.61 11.10 -38.05
C THR A 250 -12.72 12.18 -37.41
N THR A 251 -11.55 11.79 -36.89
CA THR A 251 -10.75 12.70 -36.06
C THR A 251 -9.46 12.04 -35.56
N ASN A 252 -8.51 12.88 -35.12
CA ASN A 252 -7.28 12.43 -34.48
C ASN A 252 -7.10 12.87 -33.04
N ASN A 253 -8.13 13.50 -32.48
CA ASN A 253 -8.18 13.87 -31.07
C ASN A 253 -7.10 14.80 -30.59
N ILE A 254 -6.32 15.39 -31.49
CA ILE A 254 -5.25 16.31 -31.07
C ILE A 254 -5.79 17.61 -30.52
N ASP A 255 -6.64 18.26 -31.31
CA ASP A 255 -7.23 19.55 -30.96
C ASP A 255 -8.02 19.53 -29.66
N ASN A 256 -8.87 18.52 -29.51
CA ASN A 256 -9.81 18.44 -28.36
C ASN A 256 -9.35 17.59 -27.18
N ALA A 257 -8.27 16.83 -27.36
CA ALA A 257 -7.83 15.89 -26.34
C ALA A 257 -6.34 15.91 -26.03
N TRP A 258 -5.50 15.55 -26.99
CA TRP A 258 -4.08 15.37 -26.66
C TRP A 258 -3.35 16.67 -26.47
N ALA A 259 -3.72 17.71 -27.22
CA ALA A 259 -3.08 19.03 -27.01
C ALA A 259 -3.37 19.57 -25.62
N PRO A 260 -4.69 19.82 -25.28
CA PRO A 260 -4.99 20.34 -23.94
C PRO A 260 -4.40 19.45 -22.88
N LEU A 261 -4.49 18.16 -23.11
CA LEU A 261 -4.02 17.27 -22.09
C LEU A 261 -2.53 17.47 -21.79
N ALA A 262 -1.71 17.49 -22.84
CA ALA A 262 -0.26 17.69 -22.68
C ALA A 262 0.10 19.00 -22.00
N GLU A 263 -0.60 20.07 -22.37
CA GLU A 263 -0.35 21.37 -21.74
C GLU A 263 -0.51 21.16 -20.26
N TRP A 264 -1.67 20.64 -19.87
CA TRP A 264 -1.94 20.41 -18.46
C TRP A 264 -0.87 19.49 -17.86
N LEU A 265 -0.61 18.37 -18.50
CA LEU A 265 0.36 17.42 -17.96
C LEU A 265 1.76 17.98 -17.75
N ARG A 266 2.15 18.93 -18.60
CA ARG A 266 3.52 19.41 -18.64
C ARG A 266 3.77 20.32 -17.44
N CYS A 267 2.94 21.34 -17.34
CA CYS A 267 3.12 22.30 -16.31
C CYS A 267 2.98 21.68 -14.93
N ASN A 268 2.24 20.58 -14.80
CA ASN A 268 2.12 19.87 -13.52
C ASN A 268 3.18 18.83 -13.22
N GLY A 269 4.03 18.52 -14.21
CA GLY A 269 5.17 17.60 -13.99
C GLY A 269 4.73 16.16 -13.86
N ARG A 270 3.69 15.84 -14.60
CA ARG A 270 3.05 14.55 -14.51
C ARG A 270 2.88 13.93 -15.90
N GLN A 271 2.74 12.61 -15.92
CA GLN A 271 2.63 11.88 -17.16
C GLN A 271 1.33 11.11 -17.25
N ALA A 272 0.91 10.85 -18.49
CA ALA A 272 -0.20 9.91 -18.77
C ALA A 272 0.17 8.81 -19.76
N PHE A 273 -0.70 7.81 -19.83
CA PHE A 273 -0.49 6.58 -20.60
C PHE A 273 -1.82 6.20 -21.24
N ASN A 274 -1.83 6.13 -22.56
CA ASN A 274 -3.04 5.82 -23.29
C ASN A 274 -3.22 4.33 -23.48
N THR A 275 -3.97 3.70 -22.57
CA THR A 275 -4.04 2.25 -22.53
C THR A 275 -5.12 1.63 -23.41
N GLU A 276 -5.92 2.46 -24.06
CA GLU A 276 -6.91 1.95 -25.00
C GLU A 276 -7.11 2.96 -26.12
N THR A 277 -6.94 2.49 -27.35
CA THR A 277 -7.31 3.27 -28.54
C THR A 277 -7.35 2.34 -29.75
N GLY A 278 -8.06 2.77 -30.79
CA GLY A 278 -8.00 2.11 -32.07
C GLY A 278 -9.06 2.55 -33.06
N GLY A 279 -9.09 1.82 -34.17
CA GLY A 279 -10.10 2.02 -35.15
C GLY A 279 -10.17 0.92 -36.19
N GLY A 280 -11.06 1.13 -37.16
CA GLY A 280 -11.31 0.11 -38.15
C GLY A 280 -10.16 -0.03 -39.08
N ASN A 281 -10.14 -1.14 -39.78
CA ASN A 281 -9.09 -1.41 -40.73
C ASN A 281 -9.43 -0.81 -42.10
N VAL A 282 -9.52 0.52 -42.15
CA VAL A 282 -9.96 1.26 -43.34
C VAL A 282 -9.18 2.56 -43.57
N ALA A 283 -9.35 3.16 -44.74
CA ALA A 283 -8.56 4.36 -45.13
C ALA A 283 -8.59 5.49 -44.11
N SER A 284 -9.80 5.93 -43.77
CA SER A 284 -10.04 7.11 -42.91
C SER A 284 -9.33 6.99 -41.58
N CYS A 285 -9.29 5.78 -41.08
CA CYS A 285 -8.59 5.52 -39.87
C CYS A 285 -7.08 5.44 -40.01
N GLU A 286 -6.55 4.99 -41.14
CA GLU A 286 -5.10 4.93 -41.28
C GLU A 286 -4.57 6.35 -41.34
N THR A 287 -5.31 7.26 -41.98
CA THR A 287 -4.82 8.62 -42.03
C THR A 287 -4.94 9.19 -40.61
N PHE A 288 -6.11 9.15 -40.00
CA PHE A 288 -6.29 9.81 -38.70
C PHE A 288 -5.51 9.21 -37.53
N MET A 289 -5.29 7.91 -37.52
CA MET A 289 -4.56 7.26 -36.43
C MET A 289 -3.07 7.58 -36.51
N CYS A 290 -2.55 7.68 -37.73
CA CYS A 290 -1.13 7.96 -37.91
C CYS A 290 -0.81 9.36 -37.43
N GLN A 291 -1.79 10.24 -37.65
CA GLN A 291 -1.73 11.58 -37.12
C GLN A 291 -1.64 11.56 -35.59
N GLN A 292 -2.58 10.88 -34.93
CA GLN A 292 -2.58 10.78 -33.45
C GLN A 292 -1.29 10.19 -32.87
N VAL A 293 -0.72 9.21 -33.57
CA VAL A 293 0.47 8.51 -33.08
C VAL A 293 1.71 9.36 -33.31
N ALA A 294 1.73 10.10 -34.43
CA ALA A 294 2.81 11.04 -34.71
C ALA A 294 2.87 12.11 -33.61
N TYR A 295 1.72 12.71 -33.33
CA TYR A 295 1.57 13.66 -32.20
C TYR A 295 2.00 13.09 -30.85
N GLN A 296 1.48 11.90 -30.52
CA GLN A 296 1.88 11.27 -29.28
C GLN A 296 3.37 11.08 -29.15
N ASN A 297 4.06 10.68 -30.20
CA ASN A 297 5.55 10.55 -30.16
C ASN A 297 6.22 11.89 -29.97
N ALA A 298 5.72 12.90 -30.67
CA ALA A 298 6.24 14.25 -30.50
C ALA A 298 6.18 14.71 -29.04
N ASN A 299 5.16 14.27 -28.29
CA ASN A 299 5.05 14.61 -26.88
C ASN A 299 5.43 13.50 -25.94
N SER A 300 6.45 12.76 -26.31
CA SER A 300 6.98 11.67 -25.47
C SER A 300 7.38 12.08 -24.03
N ASP A 301 7.60 13.34 -23.74
CA ASP A 301 7.86 13.77 -22.36
C ASP A 301 6.62 13.56 -21.43
N VAL A 302 5.42 13.86 -21.92
CA VAL A 302 4.22 13.76 -21.10
C VAL A 302 3.43 12.48 -21.29
N PHE A 303 3.50 11.88 -22.50
CA PHE A 303 2.83 10.60 -22.80
C PHE A 303 3.82 9.45 -22.80
N LEU A 304 3.59 8.43 -21.97
CA LEU A 304 4.44 7.24 -21.94
C LEU A 304 4.19 6.24 -23.10
N GLY A 305 3.06 6.37 -23.79
CA GLY A 305 2.71 5.40 -24.83
C GLY A 305 1.25 5.23 -25.20
N TYR A 306 1.00 4.41 -26.22
CA TYR A 306 -0.36 4.00 -26.59
C TYR A 306 -0.42 2.50 -26.59
N VAL A 307 -1.61 1.95 -26.33
CA VAL A 307 -1.86 0.50 -26.44
C VAL A 307 -3.14 0.32 -27.23
N GLY A 308 -3.05 -0.44 -28.30
CA GLY A 308 -4.16 -0.53 -29.25
C GLY A 308 -5.20 -1.55 -28.83
N TRP A 309 -6.47 -1.20 -29.01
CA TRP A 309 -7.52 -2.06 -28.52
C TRP A 309 -7.91 -2.96 -29.62
N ALA A 310 -7.37 -4.18 -29.48
CA ALA A 310 -8.08 -5.41 -29.57
C ALA A 310 -7.44 -6.46 -30.40
N ALA A 311 -6.59 -7.26 -29.79
CA ALA A 311 -6.18 -8.52 -30.36
C ALA A 311 -6.57 -9.61 -29.36
N GLY A 312 -5.84 -10.71 -29.30
CA GLY A 312 -6.28 -11.81 -28.42
C GLY A 312 -7.31 -12.66 -29.14
N ASN A 313 -8.48 -12.89 -28.56
CA ASN A 313 -9.38 -13.73 -29.32
C ASN A 313 -10.72 -13.13 -29.67
N PHE A 314 -10.60 -12.03 -30.39
CA PHE A 314 -11.67 -11.48 -31.16
C PHE A 314 -11.66 -12.20 -32.50
N TYR A 315 -12.84 -12.47 -33.04
CA TYR A 315 -12.98 -13.01 -34.41
C TYR A 315 -12.48 -12.02 -35.46
N GLN A 316 -12.34 -12.45 -36.70
CA GLN A 316 -11.66 -11.62 -37.69
C GLN A 316 -12.47 -10.36 -38.01
N GLY A 317 -13.78 -10.53 -38.17
CA GLY A 317 -14.65 -9.43 -38.55
C GLY A 317 -14.93 -8.41 -37.46
N TYR A 318 -14.25 -8.53 -36.34
CA TYR A 318 -14.42 -7.57 -35.29
C TYR A 318 -14.03 -6.17 -35.79
N VAL A 319 -14.85 -5.20 -35.45
CA VAL A 319 -14.73 -3.92 -36.07
C VAL A 319 -13.40 -3.26 -35.73
N LEU A 320 -12.91 -3.43 -34.49
CA LEU A 320 -11.64 -2.83 -34.05
C LEU A 320 -10.52 -3.82 -34.03
N GLY A 321 -10.60 -4.81 -34.90
CA GLY A 321 -9.68 -5.94 -34.84
C GLY A 321 -8.24 -5.61 -35.13
N GLU A 322 -7.37 -6.27 -34.38
CA GLU A 322 -5.92 -6.18 -34.53
C GLU A 322 -5.26 -7.56 -34.50
N VAL A 323 -6.06 -8.63 -34.53
CA VAL A 323 -5.52 -9.98 -34.45
C VAL A 323 -4.77 -10.30 -35.75
N PRO A 324 -3.49 -10.64 -35.64
CA PRO A 324 -2.75 -11.07 -36.77
C PRO A 324 -3.04 -12.52 -37.09
N THR A 325 -2.51 -12.99 -38.22
CA THR A 325 -2.76 -14.31 -38.75
C THR A 325 -1.45 -15.11 -38.80
N ASP A 326 -1.51 -16.38 -38.40
CA ASP A 326 -0.35 -17.30 -38.41
C ASP A 326 -0.48 -18.33 -39.54
N THR A 327 0.40 -18.20 -40.53
CA THR A 327 0.45 -19.16 -41.62
C THR A 327 1.76 -19.90 -41.53
N ASN A 328 1.71 -21.05 -40.87
CA ASN A 328 2.87 -21.92 -40.72
C ASN A 328 4.11 -21.16 -40.29
N GLY A 329 3.99 -20.35 -39.26
CA GLY A 329 5.09 -19.51 -38.79
C GLY A 329 5.04 -18.05 -39.24
N VAL A 330 4.48 -17.78 -40.41
CA VAL A 330 4.45 -16.42 -40.96
C VAL A 330 3.21 -15.62 -40.50
N TRP A 331 3.43 -14.54 -39.78
CA TRP A 331 2.35 -13.76 -39.25
C TRP A 331 2.05 -12.57 -40.12
N THR A 332 0.80 -12.13 -40.13
CA THR A 332 0.37 -11.06 -41.01
C THR A 332 -0.52 -10.20 -40.18
N ASP A 333 -0.27 -8.89 -40.18
CA ASP A 333 -1.07 -7.99 -39.36
C ASP A 333 -2.33 -7.47 -40.02
N THR A 334 -3.20 -6.90 -39.22
CA THR A 334 -4.31 -6.19 -39.79
C THR A 334 -3.73 -4.96 -40.42
N ALA A 335 -4.56 -4.31 -41.23
CA ALA A 335 -4.18 -3.11 -41.96
C ALA A 335 -3.66 -2.01 -41.04
N LEU A 336 -4.37 -1.78 -39.93
CA LEU A 336 -4.17 -0.61 -39.09
C LEU A 336 -2.93 -0.73 -38.25
N VAL A 337 -2.63 -1.96 -37.86
CA VAL A 337 -1.42 -2.24 -37.15
C VAL A 337 -0.19 -2.02 -38.04
N SER A 338 -0.26 -2.46 -39.29
CA SER A 338 0.91 -2.37 -40.16
C SER A 338 1.04 -1.00 -40.83
N ALA A 339 -0.07 -0.34 -41.11
CA ALA A 339 -0.01 1.03 -41.62
C ALA A 339 0.37 2.03 -40.52
N CYS A 340 -0.18 1.88 -39.31
CA CYS A 340 -0.04 2.93 -38.30
C CYS A 340 0.54 2.56 -36.93
N LEU A 341 -0.01 1.55 -36.26
CA LEU A 341 0.23 1.39 -34.84
C LEU A 341 1.55 0.75 -34.52
N ALA A 342 2.12 -0.03 -35.43
CA ALA A 342 3.39 -0.70 -35.11
C ALA A 342 4.55 0.29 -35.09
N PRO A 343 5.26 0.36 -33.96
CA PRO A 343 6.47 1.15 -33.93
C PRO A 343 7.38 0.94 -35.16
N ASN A 344 7.48 -0.29 -35.64
CA ASN A 344 8.31 -0.61 -36.82
C ASN A 344 7.70 -0.17 -38.15
N ALA A 345 7.19 1.05 -38.24
CA ALA A 345 6.55 1.52 -39.46
C ALA A 345 6.66 3.03 -39.58
N LEU B 22 13.12 -10.85 26.97
CA LEU B 22 12.70 -12.01 27.82
C LEU B 22 11.52 -11.65 28.70
N GLN B 23 11.52 -10.46 29.30
CA GLN B 23 10.36 -10.08 30.15
C GLN B 23 9.09 -9.79 29.33
N PHE B 24 9.23 -9.06 28.22
CA PHE B 24 8.12 -8.88 27.26
C PHE B 24 8.38 -9.41 25.84
N ALA B 25 7.30 -9.86 25.22
CA ALA B 25 7.32 -10.22 23.80
C ALA B 25 5.92 -10.07 23.31
N GLY B 26 5.74 -9.23 22.30
CA GLY B 26 4.38 -8.98 21.80
C GLY B 26 4.29 -8.73 20.32
N VAL B 27 3.11 -8.35 19.85
CA VAL B 27 2.99 -7.89 18.46
C VAL B 27 2.19 -6.62 18.39
N ASN B 28 2.49 -5.82 17.37
CA ASN B 28 1.75 -4.57 17.10
C ASN B 28 0.41 -4.93 16.50
N ILE B 29 -0.64 -4.22 16.89
CA ILE B 29 -1.95 -4.52 16.34
C ILE B 29 -2.46 -3.27 15.61
N ALA B 30 -2.14 -3.18 14.32
CA ALA B 30 -2.24 -1.89 13.62
C ALA B 30 -3.59 -1.66 12.97
N GLY B 31 -3.89 -0.40 12.71
CA GLY B 31 -5.16 -0.04 12.12
C GLY B 31 -5.62 1.36 12.51
N PHE B 32 -5.46 1.76 13.77
CA PHE B 32 -5.85 3.12 14.14
C PHE B 32 -4.83 4.14 13.63
N ASP B 33 -3.64 3.65 13.28
CA ASP B 33 -2.61 4.47 12.63
C ASP B 33 -2.80 4.69 11.12
N PHE B 34 -3.71 3.98 10.46
CA PHE B 34 -3.77 4.10 9.00
C PHE B 34 -4.13 5.53 8.69
N GLY B 35 -3.67 6.03 7.57
CA GLY B 35 -3.81 7.47 7.31
C GLY B 35 -3.07 8.36 8.29
N CYS B 36 -1.93 7.87 8.79
CA CYS B 36 -0.99 8.70 9.55
C CYS B 36 0.26 8.84 8.70
N GLY B 37 0.62 10.06 8.35
CA GLY B 37 1.84 10.25 7.59
C GLY B 37 3.04 10.58 8.47
N SER B 38 4.22 10.29 7.90
CA SER B 38 5.51 10.76 8.42
C SER B 38 5.56 12.21 8.91
N ASP B 39 4.69 13.05 8.35
CA ASP B 39 4.69 14.48 8.71
C ASP B 39 3.79 14.77 9.91
N GLY B 40 3.21 13.74 10.51
CA GLY B 40 2.42 13.90 11.70
C GLY B 40 1.04 14.35 11.36
N THR B 41 0.58 13.93 10.19
CA THR B 41 -0.77 14.23 9.74
C THR B 41 -1.54 12.95 9.66
N CYS B 42 -2.40 12.69 10.64
CA CYS B 42 -3.40 11.62 10.52
C CYS B 42 -4.71 12.27 10.20
N ASN B 43 -5.44 11.73 9.22
CA ASN B 43 -6.86 12.03 9.07
C ASN B 43 -7.58 11.08 10.03
N ALA B 44 -8.24 11.60 11.05
CA ALA B 44 -9.07 10.74 11.94
C ALA B 44 -10.11 9.88 11.17
N SER B 45 -10.58 10.38 10.02
CA SER B 45 -11.43 9.58 9.12
C SER B 45 -10.69 8.42 8.44
N GLY B 46 -9.36 8.40 8.48
CA GLY B 46 -8.54 7.32 7.87
C GLY B 46 -8.19 6.13 8.77
N ALA B 47 -8.60 6.21 10.02
CA ALA B 47 -8.32 5.14 10.95
C ALA B 47 -9.26 3.98 10.70
N TRP B 48 -8.74 2.76 10.80
CA TRP B 48 -9.55 1.59 10.57
C TRP B 48 -9.30 0.66 11.73
N PRO B 49 -10.25 0.63 12.69
CA PRO B 49 -10.04 -0.17 13.91
C PRO B 49 -9.85 -1.64 13.58
N PRO B 50 -8.90 -2.32 14.20
CA PRO B 50 -8.78 -3.76 14.01
C PRO B 50 -9.65 -4.62 14.94
N LEU B 51 -10.96 -4.48 14.84
CA LEU B 51 -11.89 -5.36 15.56
C LEU B 51 -13.07 -5.67 14.63
N THR B 52 -13.53 -6.92 14.61
CA THR B 52 -14.87 -7.19 14.13
C THR B 52 -15.75 -6.19 14.83
N GLN B 53 -16.87 -5.78 14.27
CA GLN B 53 -17.55 -4.52 14.73
C GLN B 53 -16.74 -3.60 13.94
N TYR B 54 -16.99 -2.32 14.00
CA TYR B 54 -16.11 -1.41 13.24
C TYR B 54 -15.60 -1.95 11.88
N TYR B 55 -16.12 -3.09 11.44
CA TYR B 55 -15.86 -3.69 10.14
C TYR B 55 -14.37 -3.78 9.87
N GLY B 56 -13.67 -4.40 10.81
CA GLY B 56 -12.28 -4.70 10.62
C GLY B 56 -12.00 -6.12 11.00
N ALA B 57 -10.75 -6.50 10.83
CA ALA B 57 -10.26 -7.79 11.22
C ALA B 57 -10.43 -8.02 12.71
N ASP B 58 -10.27 -9.28 13.09
CA ASP B 58 -10.55 -9.76 14.41
C ASP B 58 -9.32 -9.56 15.31
N GLY B 59 -9.15 -8.31 15.74
CA GLY B 59 -8.11 -7.97 16.71
C GLY B 59 -8.21 -8.74 18.01
N ALA B 60 -9.40 -8.76 18.60
CA ALA B 60 -9.61 -9.47 19.85
C ALA B 60 -9.16 -10.90 19.68
N GLY B 61 -9.64 -11.52 18.62
CA GLY B 61 -9.31 -12.90 18.37
C GLY B 61 -7.83 -13.07 18.14
N GLN B 62 -7.24 -12.15 17.39
CA GLN B 62 -5.78 -12.22 17.12
C GLN B 62 -5.00 -12.15 18.42
N MET B 63 -5.45 -11.30 19.35
CA MET B 63 -4.72 -11.14 20.59
C MET B 63 -4.80 -12.41 21.42
N LYS B 64 -5.98 -13.01 21.53
CA LYS B 64 -6.14 -14.29 22.24
C LYS B 64 -5.21 -15.35 21.74
N HIS B 65 -5.15 -15.54 20.43
CA HIS B 65 -4.32 -16.59 19.85
C HIS B 65 -2.85 -16.33 20.15
N PHE B 66 -2.48 -15.06 20.00
CA PHE B 66 -1.11 -14.66 20.26
C PHE B 66 -0.75 -14.97 21.69
N VAL B 67 -1.66 -14.78 22.61
CA VAL B 67 -1.36 -15.18 23.99
C VAL B 67 -1.41 -16.70 24.22
N ASP B 68 -2.60 -17.30 24.15
CA ASP B 68 -2.79 -18.72 24.57
C ASP B 68 -1.94 -19.68 23.73
N ASP B 69 -1.95 -19.57 22.43
CA ASP B 69 -1.13 -20.46 21.61
C ASP B 69 0.35 -20.10 21.50
N ASP B 70 0.74 -18.83 21.68
CA ASP B 70 2.14 -18.41 21.38
C ASP B 70 2.99 -17.86 22.53
N GLY B 71 2.36 -17.55 23.66
CA GLY B 71 3.10 -16.96 24.77
C GLY B 71 3.66 -15.57 24.50
N PHE B 72 2.96 -14.82 23.64
CA PHE B 72 3.15 -13.39 23.58
C PHE B 72 2.46 -12.85 24.83
N ASN B 73 2.95 -11.76 25.38
CA ASN B 73 2.35 -11.16 26.57
C ASN B 73 2.31 -9.63 26.54
N VAL B 74 2.38 -9.04 25.34
CA VAL B 74 2.17 -7.60 25.21
C VAL B 74 1.73 -7.26 23.77
N PHE B 75 0.93 -6.22 23.61
CA PHE B 75 0.56 -5.73 22.30
C PHE B 75 0.64 -4.21 22.22
N ARG B 76 1.16 -3.69 21.11
CA ARG B 76 1.27 -2.25 20.94
C ARG B 76 0.13 -1.82 20.08
N LEU B 77 -0.56 -0.76 20.45
CA LEU B 77 -1.76 -0.31 19.76
C LEU B 77 -1.60 1.10 19.25
N PRO B 78 -1.04 1.25 18.04
CA PRO B 78 -0.86 2.59 17.46
C PRO B 78 -2.16 3.40 17.34
N VAL B 79 -2.12 4.69 17.59
CA VAL B 79 -3.27 5.54 17.41
C VAL B 79 -2.74 6.95 17.20
N GLY B 80 -3.42 7.72 16.36
CA GLY B 80 -3.00 9.10 16.08
C GLY B 80 -3.60 10.13 17.02
N TRP B 81 -2.79 11.08 17.44
CA TRP B 81 -3.27 12.24 18.19
C TRP B 81 -4.62 12.76 17.65
N GLN B 82 -4.65 13.02 16.35
CA GLN B 82 -5.83 13.58 15.69
C GLN B 82 -7.07 12.73 15.93
N PHE B 83 -6.92 11.42 15.86
CA PHE B 83 -7.98 10.51 16.23
C PHE B 83 -8.40 10.61 17.70
N ILE B 84 -7.45 10.72 18.59
CA ILE B 84 -7.84 10.72 19.96
C ILE B 84 -8.66 11.97 20.28
N THR B 85 -8.45 13.06 19.54
CA THR B 85 -9.07 14.31 19.87
C THR B 85 -9.89 14.90 18.74
N ASP B 86 -10.21 14.10 17.71
CA ASP B 86 -10.89 14.63 16.51
C ASP B 86 -10.20 15.91 16.00
N GLY B 87 -8.91 15.80 15.70
CA GLY B 87 -8.21 16.82 14.95
C GLY B 87 -7.69 18.04 15.71
N VAL B 88 -7.94 18.11 17.03
CA VAL B 88 -7.35 19.15 17.89
C VAL B 88 -5.93 18.74 18.34
N ALA B 89 -5.03 19.71 18.46
CA ALA B 89 -3.70 19.49 19.04
C ALA B 89 -3.72 19.81 20.53
N GLY B 90 -4.40 19.00 21.32
CA GLY B 90 -4.63 19.30 22.73
C GLY B 90 -4.93 18.04 23.50
N GLY B 91 -5.64 18.15 24.62
CA GLY B 91 -5.96 16.98 25.45
C GLY B 91 -7.44 16.70 25.64
N ASP B 92 -8.31 17.30 24.82
CA ASP B 92 -9.75 17.02 24.86
C ASP B 92 -10.01 15.76 24.08
N ILE B 93 -10.19 14.65 24.78
CA ILE B 93 -10.56 13.41 24.12
C ILE B 93 -11.96 13.52 23.49
N ASP B 94 -12.13 12.93 22.30
CA ASP B 94 -13.41 12.84 21.65
C ASP B 94 -14.02 11.55 22.19
N GLU B 95 -15.18 11.68 22.81
CA GLU B 95 -15.82 10.60 23.52
C GLU B 95 -16.08 9.34 22.62
N ASP B 96 -16.60 9.59 21.42
CA ASP B 96 -16.97 8.52 20.47
C ASP B 96 -15.72 7.76 20.05
N ASN B 97 -14.76 8.49 19.52
CA ASN B 97 -13.50 7.91 19.07
C ASN B 97 -12.77 7.09 20.12
N TRP B 98 -12.65 7.63 21.34
CA TRP B 98 -12.00 6.91 22.42
C TRP B 98 -12.67 5.52 22.67
N ALA B 99 -13.98 5.44 22.56
CA ALA B 99 -14.62 4.20 22.88
C ALA B 99 -14.21 3.13 21.89
N GLU B 100 -13.85 3.57 20.69
CA GLU B 100 -13.35 2.64 19.68
C GLU B 100 -12.00 2.15 20.15
N TYR B 101 -11.10 3.10 20.38
CA TYR B 101 -9.73 2.78 20.75
C TYR B 101 -9.66 1.98 22.04
N ASP B 102 -10.33 2.48 23.05
CA ASP B 102 -10.40 1.78 24.32
C ASP B 102 -10.83 0.34 24.16
N ALA B 103 -11.89 0.09 23.38
CA ALA B 103 -12.35 -1.31 23.17
C ALA B 103 -11.24 -2.21 22.71
N LEU B 104 -10.36 -1.69 21.87
CA LEU B 104 -9.15 -2.44 21.52
C LEU B 104 -8.23 -2.59 22.76
N VAL B 105 -8.00 -1.51 23.47
CA VAL B 105 -7.22 -1.62 24.73
C VAL B 105 -7.80 -2.69 25.68
N GLN B 106 -9.12 -2.76 25.82
CA GLN B 106 -9.73 -3.81 26.65
C GLN B 106 -9.53 -5.19 26.07
N ALA B 107 -9.65 -5.33 24.74
CA ALA B 107 -9.48 -6.66 24.13
C ALA B 107 -8.08 -7.18 24.39
N CYS B 108 -7.14 -6.25 24.49
CA CYS B 108 -5.76 -6.56 24.81
C CYS B 108 -5.61 -7.03 26.24
N LEU B 109 -6.12 -6.25 27.18
CA LEU B 109 -6.10 -6.63 28.59
C LEU B 109 -6.82 -7.97 28.91
N ASP B 110 -8.05 -8.09 28.40
CA ASP B 110 -8.88 -9.31 28.62
C ASP B 110 -8.18 -10.56 28.08
N ALA B 111 -7.36 -10.40 27.04
CA ALA B 111 -6.56 -11.48 26.50
C ALA B 111 -5.40 -11.90 27.42
N GLY B 112 -5.19 -11.21 28.53
CA GLY B 112 -4.06 -11.49 29.41
C GLY B 112 -3.09 -10.31 29.44
N ALA B 113 -2.46 -10.10 28.29
CA ALA B 113 -1.29 -9.22 28.12
C ALA B 113 -1.35 -7.80 28.64
N SER B 114 -0.18 -7.20 28.74
CA SER B 114 -0.06 -5.75 28.86
C SER B 114 -0.24 -5.04 27.51
N CYS B 115 -0.42 -3.72 27.55
CA CYS B 115 -0.80 -3.00 26.36
C CYS B 115 -0.13 -1.66 26.25
N ILE B 116 0.70 -1.52 25.21
CA ILE B 116 1.37 -0.28 24.96
C ILE B 116 0.44 0.65 24.23
N VAL B 117 0.11 1.79 24.82
CA VAL B 117 -0.67 2.81 24.14
C VAL B 117 0.26 3.75 23.42
N ASP B 118 0.27 3.66 22.10
CA ASP B 118 1.29 4.30 21.27
C ASP B 118 0.69 5.44 20.48
N VAL B 119 1.11 6.67 20.80
CA VAL B 119 0.70 7.87 20.06
C VAL B 119 1.62 8.08 18.86
N HIS B 120 1.04 7.84 17.67
CA HIS B 120 1.79 7.44 16.51
C HIS B 120 1.95 8.62 15.58
N ASN B 121 2.61 9.66 16.07
CA ASN B 121 2.67 10.93 15.33
C ASN B 121 4.01 11.40 14.86
N TYR B 122 5.08 10.68 15.10
CA TYR B 122 6.38 11.08 14.54
C TYR B 122 6.84 12.47 15.07
N ALA B 123 6.58 12.70 16.36
CA ALA B 123 6.79 13.99 17.05
C ALA B 123 6.14 15.22 16.44
N ARG B 124 5.24 15.02 15.48
CA ARG B 124 4.63 16.15 14.77
C ARG B 124 3.13 16.14 14.88
N PHE B 125 2.55 17.30 14.54
CA PHE B 125 1.10 17.48 14.39
C PHE B 125 0.93 18.38 13.16
N ASN B 126 0.16 17.90 12.18
CA ASN B 126 0.09 18.52 10.83
C ASN B 126 1.39 19.12 10.30
N GLY B 127 2.44 18.32 10.26
CA GLY B 127 3.66 18.76 9.62
C GLY B 127 4.50 19.75 10.40
N GLU B 128 4.16 20.04 11.66
CA GLU B 128 5.04 20.84 12.51
C GLU B 128 5.50 20.01 13.71
N ILE B 129 6.76 20.20 14.10
CA ILE B 129 7.39 19.49 15.22
C ILE B 129 6.94 20.00 16.58
N ILE B 130 6.49 19.08 17.42
CA ILE B 130 6.02 19.42 18.75
C ILE B 130 7.08 20.17 19.48
N GLY B 131 6.68 21.30 20.04
CA GLY B 131 7.57 22.05 20.89
C GLY B 131 8.58 22.91 20.16
N GLN B 132 8.64 22.80 18.83
CA GLN B 132 9.60 23.54 18.04
C GLN B 132 8.91 24.05 16.74
N GLY B 133 7.80 24.77 16.92
CA GLY B 133 6.96 25.22 15.81
C GLY B 133 5.57 24.65 15.89
N GLY B 134 5.47 23.39 16.31
CA GLY B 134 4.21 22.68 16.42
C GLY B 134 3.45 23.03 17.68
N PRO B 135 2.59 22.13 18.16
CA PRO B 135 1.92 22.31 19.44
C PRO B 135 2.91 22.52 20.56
N THR B 136 2.50 23.29 21.56
CA THR B 136 3.38 23.56 22.68
C THR B 136 3.47 22.33 23.55
N ASN B 137 4.54 22.26 24.33
CA ASN B 137 4.64 21.22 25.33
C ASN B 137 3.40 21.14 26.26
N GLN B 138 2.74 22.26 26.53
CA GLN B 138 1.49 22.23 27.33
C GLN B 138 0.42 21.40 26.64
N ASP B 139 0.29 21.63 25.33
CA ASP B 139 -0.70 20.96 24.49
C ASP B 139 -0.44 19.45 24.53
N PHE B 140 0.84 19.10 24.39
CA PHE B 140 1.25 17.70 24.38
C PHE B 140 0.98 16.98 25.70
N ALA B 141 1.27 17.67 26.79
CA ALA B 141 1.11 17.09 28.12
C ALA B 141 -0.35 17.04 28.48
N ALA B 142 -1.11 17.99 27.94
CA ALA B 142 -2.55 17.95 28.11
C ALA B 142 -3.04 16.61 27.60
N LEU B 143 -2.60 16.28 26.39
CA LEU B 143 -2.93 14.97 25.83
C LEU B 143 -2.59 13.88 26.83
N TRP B 144 -1.33 13.85 27.23
CA TRP B 144 -0.85 12.75 28.04
C TRP B 144 -1.48 12.66 29.41
N SER B 145 -1.73 13.82 30.00
CA SER B 145 -2.63 13.86 31.15
C SER B 145 -3.94 13.12 30.84
N SER B 146 -4.64 13.54 29.79
CA SER B 146 -5.98 13.03 29.60
C SER B 146 -5.94 11.52 29.45
N ILE B 147 -4.94 11.03 28.72
CA ILE B 147 -4.73 9.58 28.49
C ILE B 147 -4.33 8.88 29.77
N ALA B 148 -3.37 9.48 30.46
CA ALA B 148 -2.88 8.94 31.75
C ALA B 148 -4.02 8.82 32.78
N ALA B 149 -4.81 9.88 32.89
CA ALA B 149 -6.02 9.88 33.68
C ALA B 149 -6.94 8.67 33.40
N LYS B 150 -7.25 8.39 32.14
CA LYS B 150 -8.08 7.22 31.82
C LYS B 150 -7.48 5.90 32.30
N TYR B 151 -6.16 5.76 32.31
CA TYR B 151 -5.58 4.47 32.70
C TYR B 151 -4.82 4.43 34.01
N ALA B 152 -4.70 5.59 34.67
CA ALA B 152 -3.97 5.75 35.95
C ALA B 152 -4.06 4.56 36.90
N ASP B 153 -5.31 4.15 37.14
CA ASP B 153 -5.63 3.00 37.94
C ASP B 153 -4.95 1.70 37.45
N ASN B 154 -4.82 1.52 36.14
CA ASN B 154 -4.39 0.23 35.56
C ASN B 154 -2.88 0.12 35.34
N ASP B 155 -2.26 -0.92 35.85
CA ASP B 155 -0.80 -1.00 35.84
C ASP B 155 -0.23 -1.98 34.82
N LYS B 156 -1.08 -2.65 34.05
CA LYS B 156 -0.64 -3.39 32.87
C LYS B 156 -0.66 -2.55 31.56
N ILE B 157 -0.88 -1.23 31.69
CA ILE B 157 -0.77 -0.31 30.59
C ILE B 157 0.65 0.24 30.51
N ILE B 158 1.11 0.52 29.28
CA ILE B 158 2.41 1.11 29.01
C ILE B 158 2.26 2.36 28.13
N PHE B 159 3.06 3.40 28.40
CA PHE B 159 2.84 4.68 27.71
C PHE B 159 3.91 4.91 26.67
N GLY B 160 3.51 4.76 25.42
CA GLY B 160 4.38 5.12 24.30
C GLY B 160 4.29 6.61 24.05
N VAL B 161 5.14 7.36 24.71
CA VAL B 161 5.07 8.80 24.61
C VAL B 161 4.99 9.27 23.17
N MET B 162 5.78 8.66 22.29
CA MET B 162 5.74 9.07 20.89
C MET B 162 6.39 8.08 19.94
N ASN B 163 5.73 7.88 18.82
CA ASN B 163 6.26 7.02 17.78
C ASN B 163 7.29 7.77 16.91
N GLU B 164 8.49 7.22 16.81
CA GLU B 164 9.49 7.62 15.80
C GLU B 164 9.72 9.11 15.51
N PRO B 165 10.21 9.90 16.48
CA PRO B 165 10.64 11.24 16.06
C PRO B 165 11.77 11.10 15.05
N HIS B 166 11.97 12.08 14.16
CA HIS B 166 13.00 11.86 13.15
C HIS B 166 13.95 13.00 12.74
N ASP B 167 13.41 14.16 12.46
CA ASP B 167 14.31 15.19 11.94
C ASP B 167 14.15 16.37 12.86
N VAL B 168 14.34 16.06 14.14
CA VAL B 168 14.22 17.05 15.20
C VAL B 168 15.55 17.79 15.26
N PRO B 169 15.55 19.04 14.77
CA PRO B 169 16.84 19.77 14.73
C PRO B 169 17.52 19.84 16.12
N ASP B 170 16.73 20.11 17.18
CA ASP B 170 17.26 20.19 18.55
C ASP B 170 16.71 19.15 19.55
N ILE B 171 17.60 18.22 19.91
CA ILE B 171 17.26 17.04 20.70
C ILE B 171 17.11 17.30 22.20
N ASN B 172 17.65 18.38 22.73
CA ASN B 172 17.45 18.65 24.15
C ASN B 172 16.08 19.23 24.41
N LEU B 173 15.66 20.10 23.50
CA LEU B 173 14.30 20.59 23.51
C LEU B 173 13.35 19.41 23.39
N TRP B 174 13.71 18.44 22.55
CA TRP B 174 12.86 17.26 22.42
C TRP B 174 12.80 16.52 23.77
N ALA B 175 13.94 16.20 24.35
CA ALA B 175 13.91 15.63 25.70
C ALA B 175 13.03 16.45 26.69
N ASP B 176 13.05 17.76 26.58
CA ASP B 176 12.19 18.58 27.43
C ASP B 176 10.70 18.30 27.18
N SER B 177 10.31 18.21 25.91
CA SER B 177 8.94 17.83 25.54
C SER B 177 8.59 16.49 26.19
N VAL B 178 9.53 15.56 26.06
CA VAL B 178 9.35 14.23 26.65
C VAL B 178 9.22 14.32 28.16
N GLN B 179 10.04 15.16 28.80
CA GLN B 179 9.94 15.35 30.24
C GLN B 179 8.60 15.97 30.58
N ALA B 180 8.10 16.87 29.75
CA ALA B 180 6.77 17.47 29.99
C ALA B 180 5.72 16.37 30.15
N ALA B 181 5.78 15.39 29.25
CA ALA B 181 4.86 14.29 29.27
C ALA B 181 4.96 13.41 30.50
N VAL B 182 6.18 13.04 30.89
CA VAL B 182 6.40 12.14 32.02
C VAL B 182 5.85 12.82 33.27
N THR B 183 6.11 14.12 33.43
CA THR B 183 5.56 14.90 34.52
C THR B 183 4.00 14.84 34.53
N ALA B 184 3.42 15.33 33.44
CA ALA B 184 1.97 15.24 33.22
C ALA B 184 1.36 13.89 33.59
N ILE B 185 1.97 12.81 33.09
CA ILE B 185 1.49 11.44 33.29
C ILE B 185 1.51 11.02 34.75
N ARG B 186 2.67 11.20 35.40
CA ARG B 186 2.80 10.91 36.83
C ARG B 186 1.92 11.87 37.64
N GLN B 187 1.91 13.16 37.31
CA GLN B 187 0.99 14.09 38.01
C GLN B 187 -0.46 13.63 37.92
N ALA B 188 -0.81 12.95 36.82
CA ALA B 188 -2.17 12.46 36.63
C ALA B 188 -2.52 11.20 37.38
N GLY B 189 -1.57 10.57 38.06
CA GLY B 189 -1.85 9.39 38.89
C GLY B 189 -1.31 8.08 38.37
N ALA B 190 -0.47 8.13 37.34
CA ALA B 190 0.05 6.92 36.70
C ALA B 190 1.46 6.65 37.17
N THR B 191 1.60 6.12 38.38
CA THR B 191 2.91 5.95 39.02
C THR B 191 3.55 4.58 38.81
N SER B 192 2.77 3.54 38.58
CA SER B 192 3.29 2.16 38.46
C SER B 192 3.66 1.73 37.03
N GLN B 193 3.36 2.55 36.04
CA GLN B 193 3.51 2.12 34.65
C GLN B 193 4.81 2.52 34.04
N ILE B 194 5.28 1.65 33.17
CA ILE B 194 6.36 1.95 32.28
C ILE B 194 5.95 3.05 31.33
N ILE B 195 6.81 4.04 31.16
CA ILE B 195 6.65 5.06 30.17
C ILE B 195 7.82 4.93 29.26
N LEU B 196 7.59 5.00 27.94
CA LEU B 196 8.66 4.76 26.96
C LEU B 196 9.15 6.05 26.34
N LEU B 197 10.46 6.13 26.11
CA LEU B 197 11.10 7.38 25.73
C LEU B 197 11.79 7.30 24.38
N PRO B 198 11.26 8.00 23.40
CA PRO B 198 11.77 7.83 22.07
C PRO B 198 12.75 8.92 21.66
N GLY B 199 13.79 8.54 20.92
CA GLY B 199 14.76 9.50 20.39
C GLY B 199 14.64 9.84 18.91
N ASN B 200 15.72 10.39 18.36
CA ASN B 200 15.72 10.92 17.01
C ASN B 200 16.05 9.84 15.98
N ASN B 201 16.02 10.21 14.70
CA ASN B 201 16.27 9.23 13.62
C ASN B 201 15.41 7.96 13.73
N TRP B 202 14.10 8.19 13.83
CA TRP B 202 13.12 7.13 13.82
C TRP B 202 13.29 6.18 15.01
N THR B 203 13.73 6.73 16.15
CA THR B 203 14.17 5.98 17.33
C THR B 203 15.03 4.80 16.95
N SER B 204 15.86 4.95 15.92
CA SER B 204 16.69 3.83 15.54
C SER B 204 17.60 3.49 16.72
N ALA B 205 17.71 2.20 17.00
CA ALA B 205 18.64 1.66 17.97
C ALA B 205 20.10 1.85 17.61
N GLU B 206 20.38 2.07 16.34
CA GLU B 206 21.75 2.13 15.86
C GLU B 206 22.39 3.44 16.21
N THR B 207 21.56 4.48 16.30
CA THR B 207 22.01 5.83 16.44
C THR B 207 21.53 6.42 17.73
N PHE B 208 20.91 5.60 18.57
CA PHE B 208 20.22 6.11 19.75
C PHE B 208 21.20 6.85 20.67
N VAL B 209 22.36 6.22 20.85
CA VAL B 209 23.44 6.80 21.61
C VAL B 209 24.11 7.89 20.80
N SER B 210 24.57 7.53 19.62
CA SER B 210 25.46 8.40 18.83
C SER B 210 24.85 9.72 18.38
N ASN B 211 23.53 9.83 18.28
CA ASN B 211 22.91 11.16 17.98
C ASN B 211 22.55 11.99 19.19
N GLY B 212 22.97 11.56 20.38
CA GLY B 212 22.69 12.32 21.61
C GLY B 212 21.35 12.01 22.25
N SER B 213 20.56 11.15 21.62
CA SER B 213 19.26 10.81 22.17
C SER B 213 19.38 10.22 23.56
N ALA B 214 20.29 9.27 23.73
CA ALA B 214 20.45 8.59 25.03
C ALA B 214 20.92 9.53 26.13
N ASP B 215 21.84 10.43 25.79
CA ASP B 215 22.41 11.33 26.79
C ASP B 215 21.39 12.41 27.21
N ALA B 216 20.42 12.69 26.34
CA ALA B 216 19.47 13.75 26.61
C ALA B 216 18.27 13.25 27.40
N LEU B 217 17.81 12.04 27.06
CA LEU B 217 16.63 11.43 27.65
C LEU B 217 16.96 10.77 28.99
N LYS B 218 18.20 10.33 29.12
CA LYS B 218 18.74 9.90 30.40
C LYS B 218 18.31 10.87 31.50
N LYS B 219 18.41 12.15 31.22
CA LYS B 219 18.15 13.15 32.20
C LYS B 219 16.64 13.38 32.49
N VAL B 220 15.77 12.70 31.77
CA VAL B 220 14.35 12.73 32.10
C VAL B 220 14.05 11.92 33.33
N THR B 221 13.29 12.49 34.26
CA THR B 221 13.02 11.83 35.55
C THR B 221 11.57 12.01 35.94
N ASN B 222 11.10 11.07 36.76
CA ASN B 222 9.81 11.14 37.42
C ASN B 222 9.75 12.35 38.33
N PRO B 223 8.57 12.69 38.83
CA PRO B 223 8.53 13.86 39.68
C PRO B 223 9.42 13.68 40.94
N ASP B 224 9.43 12.45 41.48
CA ASP B 224 10.23 12.10 42.67
C ASP B 224 11.74 12.09 42.42
N GLY B 225 12.15 12.49 41.21
CA GLY B 225 13.57 12.67 40.85
C GLY B 225 14.27 11.44 40.28
N SER B 226 13.65 10.27 40.41
CA SER B 226 14.18 9.01 39.90
C SER B 226 13.86 8.79 38.43
N VAL B 227 14.53 7.79 37.88
CA VAL B 227 14.28 7.30 36.55
C VAL B 227 13.63 5.91 36.61
N THR B 228 13.04 5.58 37.76
CA THR B 228 12.30 4.31 37.91
C THR B 228 11.20 4.26 36.86
N ASN B 229 11.11 3.13 36.17
CA ASN B 229 10.03 2.83 35.20
C ASN B 229 10.04 3.63 33.89
N LEU B 230 11.13 4.36 33.63
CA LEU B 230 11.30 5.07 32.35
C LEU B 230 12.24 4.24 31.46
N ILE B 231 11.75 3.81 30.30
CA ILE B 231 12.48 2.86 29.47
C ILE B 231 12.70 3.45 28.09
N PHE B 232 13.84 3.20 27.49
CA PHE B 232 14.03 3.74 26.15
C PHE B 232 13.33 2.87 25.08
N ASP B 233 12.79 3.56 24.08
CA ASP B 233 11.93 2.99 23.06
C ASP B 233 12.77 3.00 21.82
N VAL B 234 13.14 1.83 21.32
CA VAL B 234 13.94 1.81 20.13
C VAL B 234 13.34 0.91 19.06
N HIS B 235 13.49 1.35 17.82
CA HIS B 235 13.04 0.64 16.63
C HIS B 235 14.25 0.20 15.87
N LYS B 236 14.12 -0.93 15.21
CA LYS B 236 15.12 -1.36 14.26
C LYS B 236 14.55 -2.46 13.39
N TYR B 237 14.69 -2.27 12.08
CA TYR B 237 14.24 -3.25 11.09
C TYR B 237 15.44 -3.91 10.43
N LEU B 238 15.21 -4.88 9.53
CA LEU B 238 16.29 -5.72 9.01
C LEU B 238 16.69 -5.51 7.55
N ASP B 239 15.91 -4.79 6.77
CA ASP B 239 16.28 -4.55 5.38
C ASP B 239 17.37 -3.48 5.23
N SER B 240 18.03 -3.49 4.09
CA SER B 240 19.13 -2.57 3.81
C SER B 240 19.00 -1.14 4.39
N ASP B 241 17.84 -0.52 4.26
CA ASP B 241 17.72 0.87 4.67
C ASP B 241 17.04 1.04 6.03
N ASN B 242 16.76 -0.07 6.72
CA ASN B 242 16.06 -0.02 8.02
C ASN B 242 14.66 0.66 7.96
N SER B 243 13.93 0.38 6.88
CA SER B 243 12.66 1.04 6.60
C SER B 243 11.49 0.09 6.79
N GLY B 244 11.77 -1.18 6.97
CA GLY B 244 10.73 -2.20 6.93
C GLY B 244 9.75 -2.05 5.76
N THR B 245 10.29 -1.83 4.56
CA THR B 245 9.46 -1.74 3.36
C THR B 245 9.73 -2.88 2.38
N HIS B 246 10.67 -3.77 2.73
CA HIS B 246 11.16 -4.82 1.85
C HIS B 246 10.93 -6.17 2.49
N GLU B 247 10.84 -7.21 1.68
CA GLU B 247 10.66 -8.57 2.18
C GLU B 247 11.99 -9.16 2.70
N GLU B 248 13.08 -8.82 2.02
CA GLU B 248 14.35 -9.51 2.28
C GLU B 248 15.10 -8.83 3.42
N CYS B 249 15.74 -9.66 4.22
CA CYS B 249 16.46 -9.19 5.37
C CYS B 249 17.98 -9.31 5.09
N THR B 250 18.69 -8.22 5.39
CA THR B 250 20.11 -8.06 5.12
C THR B 250 21.01 -8.19 6.36
N THR B 251 20.47 -8.06 7.58
CA THR B 251 21.27 -8.03 8.81
C THR B 251 20.51 -8.54 10.05
N ASN B 252 21.25 -9.12 10.99
CA ASN B 252 20.69 -9.45 12.31
C ASN B 252 20.87 -8.32 13.33
N ASN B 253 21.57 -7.25 12.91
CA ASN B 253 21.63 -5.97 13.63
C ASN B 253 22.49 -5.97 14.89
N ILE B 254 22.89 -7.16 15.36
CA ILE B 254 23.71 -7.32 16.58
C ILE B 254 24.99 -6.48 16.64
N ASP B 255 25.93 -6.68 15.71
CA ASP B 255 27.21 -5.96 15.83
C ASP B 255 27.03 -4.46 15.72
N ASN B 256 26.00 -4.05 14.97
CA ASN B 256 25.88 -2.67 14.51
C ASN B 256 25.06 -1.85 15.47
N ALA B 257 24.10 -2.48 16.13
CA ALA B 257 23.15 -1.77 17.01
C ALA B 257 23.01 -2.40 18.37
N TRP B 258 22.54 -3.64 18.45
CA TRP B 258 22.23 -4.24 19.75
C TRP B 258 23.44 -4.40 20.67
N ALA B 259 24.58 -4.83 20.12
CA ALA B 259 25.81 -5.00 20.93
C ALA B 259 26.26 -3.69 21.55
N PRO B 260 26.47 -2.66 20.73
CA PRO B 260 26.88 -1.38 21.31
C PRO B 260 25.83 -0.72 22.20
N LEU B 261 24.56 -1.07 21.99
CA LEU B 261 23.47 -0.48 22.76
C LEU B 261 23.42 -1.13 24.13
N ALA B 262 23.57 -2.45 24.17
CA ALA B 262 23.58 -3.16 25.44
C ALA B 262 24.73 -2.61 26.31
N GLU B 263 25.95 -2.64 25.76
CA GLU B 263 27.14 -2.15 26.43
C GLU B 263 26.84 -0.85 27.16
N TRP B 264 26.28 0.13 26.46
CA TRP B 264 25.94 1.42 27.06
C TRP B 264 24.83 1.35 28.09
N LEU B 265 23.80 0.55 27.84
CA LEU B 265 22.68 0.48 28.76
C LEU B 265 23.14 -0.06 30.11
N ARG B 266 24.00 -1.05 30.01
CA ARG B 266 24.48 -1.79 31.14
C ARG B 266 25.44 -0.92 31.92
N CYS B 267 26.35 -0.26 31.21
CA CYS B 267 27.27 0.71 31.80
C CYS B 267 26.55 1.94 32.47
N ASN B 268 25.31 2.26 32.08
CA ASN B 268 24.53 3.30 32.76
C ASN B 268 23.32 2.80 33.57
N GLY B 269 23.19 1.50 33.81
CA GLY B 269 22.07 0.99 34.62
C GLY B 269 20.65 1.15 34.02
N ARG B 270 20.55 1.33 32.69
CA ARG B 270 19.23 1.59 32.08
C ARG B 270 18.76 0.43 31.22
N GLN B 271 17.47 0.46 30.87
CA GLN B 271 16.91 -0.56 30.00
C GLN B 271 16.18 0.00 28.78
N ALA B 272 16.08 -0.85 27.78
CA ALA B 272 15.46 -0.54 26.50
C ALA B 272 14.36 -1.54 26.15
N PHE B 273 13.44 -1.07 25.32
CA PHE B 273 12.31 -1.84 24.81
C PHE B 273 12.31 -1.65 23.28
N ASN B 274 12.33 -2.76 22.56
CA ASN B 274 12.34 -2.72 21.12
C ASN B 274 10.91 -2.78 20.61
N THR B 275 10.33 -1.62 20.34
CA THR B 275 8.88 -1.58 20.13
C THR B 275 8.45 -1.85 18.73
N GLU B 276 9.37 -1.78 17.79
CA GLU B 276 9.05 -2.15 16.43
C GLU B 276 10.28 -2.79 15.85
N THR B 277 10.14 -4.07 15.52
CA THR B 277 11.06 -4.73 14.59
C THR B 277 10.20 -5.67 13.73
N GLY B 278 10.79 -6.25 12.69
CA GLY B 278 10.08 -7.27 11.93
C GLY B 278 10.68 -7.57 10.58
N GLY B 279 10.05 -8.50 9.88
CA GLY B 279 10.51 -8.89 8.54
C GLY B 279 9.53 -9.59 7.63
N GLY B 280 9.99 -9.77 6.40
CA GLY B 280 9.27 -10.56 5.41
C GLY B 280 9.17 -12.00 5.86
N ASN B 281 8.27 -12.73 5.22
CA ASN B 281 8.07 -14.13 5.53
C ASN B 281 8.79 -15.03 4.52
N VAL B 282 10.09 -14.79 4.42
CA VAL B 282 10.98 -15.50 3.53
C VAL B 282 11.99 -16.16 4.45
N ALA B 283 12.94 -16.91 3.90
CA ALA B 283 13.88 -17.68 4.75
C ALA B 283 15.13 -16.93 5.20
N SER B 284 15.48 -15.80 4.58
CA SER B 284 16.58 -14.97 5.09
C SER B 284 16.20 -14.30 6.42
N CYS B 285 14.97 -13.81 6.54
CA CYS B 285 14.50 -13.26 7.80
C CYS B 285 14.40 -14.41 8.81
N GLU B 286 13.94 -15.56 8.40
CA GLU B 286 13.89 -16.67 9.35
C GLU B 286 15.25 -16.89 10.03
N THR B 287 16.33 -16.58 9.33
CA THR B 287 17.70 -16.74 9.86
C THR B 287 18.11 -15.59 10.82
N PHE B 288 18.15 -14.36 10.31
CA PHE B 288 18.57 -13.20 11.10
C PHE B 288 17.67 -12.92 12.31
N MET B 289 16.36 -13.02 12.15
CA MET B 289 15.43 -12.69 13.22
C MET B 289 15.67 -13.60 14.41
N CYS B 290 15.87 -14.88 14.13
CA CYS B 290 16.29 -15.82 15.16
C CYS B 290 17.44 -15.26 15.94
N GLN B 291 18.48 -14.89 15.18
CA GLN B 291 19.69 -14.36 15.75
C GLN B 291 19.44 -13.10 16.58
N GLN B 292 18.55 -12.23 16.11
CA GLN B 292 18.22 -10.99 16.86
C GLN B 292 17.37 -11.30 18.10
N VAL B 293 16.48 -12.27 18.02
CA VAL B 293 15.72 -12.65 19.19
C VAL B 293 16.64 -13.37 20.16
N ALA B 294 17.57 -14.15 19.63
CA ALA B 294 18.54 -14.84 20.49
C ALA B 294 19.33 -13.84 21.34
N TYR B 295 19.84 -12.78 20.70
CA TYR B 295 20.70 -11.83 21.40
C TYR B 295 19.92 -11.05 22.45
N GLN B 296 18.65 -10.74 22.16
CA GLN B 296 17.87 -9.97 23.09
C GLN B 296 17.56 -10.80 24.33
N ASN B 297 17.17 -12.05 24.17
CA ASN B 297 16.93 -12.93 25.34
C ASN B 297 18.18 -13.23 26.15
N ALA B 298 19.35 -13.05 25.54
CA ALA B 298 20.63 -13.18 26.20
C ALA B 298 21.12 -11.87 26.77
N ASN B 299 20.41 -10.78 26.54
CA ASN B 299 20.62 -9.57 27.28
C ASN B 299 19.29 -9.09 27.84
N SER B 300 18.54 -10.00 28.46
CA SER B 300 17.29 -9.67 29.17
C SER B 300 17.45 -8.67 30.30
N ASP B 301 18.68 -8.32 30.66
CA ASP B 301 18.89 -7.42 31.79
C ASP B 301 18.85 -5.97 31.32
N VAL B 302 19.20 -5.71 30.05
CA VAL B 302 19.10 -4.37 29.45
C VAL B 302 17.92 -4.25 28.47
N PHE B 303 17.45 -5.37 27.92
CA PHE B 303 16.36 -5.35 26.96
C PHE B 303 15.11 -5.91 27.62
N LEU B 304 14.02 -5.15 27.57
CA LEU B 304 12.75 -5.61 28.16
C LEU B 304 12.05 -6.60 27.25
N GLY B 305 12.05 -6.31 25.96
CA GLY B 305 11.53 -7.26 25.01
C GLY B 305 11.42 -6.72 23.60
N TYR B 306 10.76 -7.50 22.76
CA TYR B 306 10.48 -7.09 21.40
C TYR B 306 8.99 -7.09 21.13
N VAL B 307 8.61 -6.32 20.11
CA VAL B 307 7.27 -6.29 19.58
C VAL B 307 7.34 -6.28 18.04
N GLY B 308 6.78 -7.34 17.48
CA GLY B 308 6.81 -7.51 16.06
C GLY B 308 5.88 -6.53 15.38
N TRP B 309 6.36 -5.93 14.31
CA TRP B 309 5.50 -5.07 13.54
C TRP B 309 4.80 -5.85 12.46
N ALA B 310 3.52 -6.13 12.77
CA ALA B 310 2.39 -5.92 11.90
C ALA B 310 1.42 -7.06 11.95
N ALA B 311 0.44 -6.97 12.84
CA ALA B 311 -0.79 -7.74 12.72
C ALA B 311 -1.85 -6.68 12.68
N GLY B 312 -3.07 -6.98 13.11
CA GLY B 312 -4.20 -6.06 12.94
C GLY B 312 -4.81 -6.09 11.54
N ASN B 313 -4.92 -4.93 10.88
CA ASN B 313 -5.67 -4.81 9.62
C ASN B 313 -4.83 -4.85 8.38
N PHE B 314 -3.56 -5.20 8.47
CA PHE B 314 -2.81 -5.31 7.24
C PHE B 314 -3.35 -6.44 6.36
N TYR B 315 -3.35 -6.23 5.04
CA TYR B 315 -3.89 -7.26 4.10
C TYR B 315 -2.91 -8.41 4.09
N GLN B 316 -3.36 -9.60 3.73
CA GLN B 316 -2.47 -10.74 3.90
C GLN B 316 -1.31 -10.61 2.91
N GLY B 317 -1.55 -9.95 1.77
CA GLY B 317 -0.40 -9.65 0.89
C GLY B 317 0.81 -8.90 1.51
N TYR B 318 0.55 -8.14 2.56
CA TYR B 318 1.48 -7.17 3.12
C TYR B 318 2.89 -7.68 3.36
N VAL B 319 3.88 -6.86 3.03
CA VAL B 319 5.27 -7.32 3.01
C VAL B 319 5.78 -7.81 4.38
N LEU B 320 5.23 -7.23 5.46
CA LEU B 320 5.67 -7.52 6.83
C LEU B 320 4.54 -8.07 7.67
N GLY B 321 3.66 -8.83 7.08
CA GLY B 321 2.44 -9.23 7.78
C GLY B 321 2.68 -10.32 8.80
N GLU B 322 2.11 -10.14 9.98
CA GLU B 322 2.19 -11.12 11.02
C GLU B 322 0.76 -11.55 11.32
N VAL B 323 -0.17 -11.11 10.47
CA VAL B 323 -1.58 -11.42 10.63
C VAL B 323 -1.78 -12.91 10.58
N PRO B 324 -2.36 -13.48 11.63
CA PRO B 324 -2.61 -14.89 11.62
C PRO B 324 -3.92 -15.18 10.95
N THR B 325 -4.11 -16.43 10.54
CA THR B 325 -5.34 -16.86 9.89
C THR B 325 -6.19 -17.74 10.81
N ASP B 326 -7.49 -17.45 10.84
CA ASP B 326 -8.48 -18.28 11.52
C ASP B 326 -9.26 -19.05 10.48
N THR B 327 -8.97 -20.34 10.35
CA THR B 327 -9.91 -21.26 9.72
C THR B 327 -10.72 -21.95 10.85
N ASN B 328 -11.95 -21.46 11.03
CA ASN B 328 -13.01 -22.05 11.88
C ASN B 328 -12.61 -22.57 13.27
N GLY B 329 -11.74 -21.81 13.94
CA GLY B 329 -11.34 -22.13 15.31
C GLY B 329 -9.85 -22.36 15.41
N VAL B 330 -9.26 -22.94 14.38
CA VAL B 330 -7.83 -23.17 14.36
C VAL B 330 -7.07 -22.04 13.68
N TRP B 331 -6.18 -21.41 14.45
CA TRP B 331 -5.35 -20.30 13.98
C TRP B 331 -3.99 -20.76 13.51
N THR B 332 -3.58 -20.20 12.39
CA THR B 332 -2.29 -20.49 11.80
C THR B 332 -1.51 -19.18 11.75
N ASP B 333 -0.19 -19.25 11.83
CA ASP B 333 0.66 -18.06 11.84
C ASP B 333 1.51 -17.93 10.62
N THR B 334 1.88 -16.69 10.30
CA THR B 334 2.79 -16.46 9.20
C THR B 334 4.13 -17.10 9.55
N ALA B 335 4.97 -17.33 8.55
CA ALA B 335 6.16 -18.14 8.77
C ALA B 335 7.10 -17.46 9.76
N LEU B 336 7.32 -16.16 9.59
CA LEU B 336 8.23 -15.48 10.48
C LEU B 336 7.82 -15.61 11.95
N VAL B 337 6.54 -15.61 12.23
CA VAL B 337 6.07 -15.70 13.60
C VAL B 337 6.32 -17.08 14.20
N SER B 338 6.14 -18.13 13.41
CA SER B 338 6.35 -19.49 13.87
C SER B 338 7.85 -19.78 13.99
N ALA B 339 8.62 -19.36 12.98
CA ALA B 339 10.05 -19.62 12.97
C ALA B 339 10.70 -19.03 14.21
N CYS B 340 10.67 -17.71 14.38
CA CYS B 340 11.42 -17.11 15.47
C CYS B 340 10.81 -16.01 16.34
N LEU B 341 9.68 -15.41 15.96
CA LEU B 341 9.08 -14.35 16.81
C LEU B 341 8.24 -14.86 17.94
N ALA B 342 7.53 -15.96 17.73
CA ALA B 342 6.74 -16.51 18.81
C ALA B 342 7.70 -16.92 19.90
N PRO B 343 7.41 -16.53 21.14
CA PRO B 343 8.21 -17.07 22.23
C PRO B 343 8.21 -18.60 22.30
N ASN B 344 7.07 -19.23 22.01
CA ASN B 344 7.00 -20.69 21.91
C ASN B 344 7.98 -21.34 20.92
N ALA B 345 8.38 -20.60 19.89
CA ALA B 345 9.11 -21.14 18.72
C ALA B 345 10.40 -21.97 19.01
#